data_6XPT
#
_entry.id   6XPT
#
_cell.length_a   66.648
_cell.length_b   126.820
_cell.length_c   134.942
_cell.angle_alpha   90.000
_cell.angle_beta   90.000
_cell.angle_gamma   90.000
#
_symmetry.space_group_name_H-M   'P 21 21 21'
#
loop_
_entity.id
_entity.type
_entity.pdbx_description
1 polymer 'Nucleoside diphosphate kinase'
2 non-polymer "URIDINE-5'-DIPHOSPHATE"
3 non-polymer 'MAGNESIUM ION'
4 water water
#
_entity_poly.entity_id   1
_entity_poly.type   'polypeptide(L)'
_entity_poly.pdbx_seq_one_letter_code
;MHHHHHHGSMSNEQTFIAIKPDGVQRGLIGPIISRFENRGFKLVAMKLVSPPQSQLEQHYADLSDKPFFKGLVSYMLSGP
ICAMVWEGRDVVKTGRTILGATNPLASAPGTIRGDFAIDVGRNVCHGSDSVENAKKEIALWFKPEELISWKSATFDWVYE
KA
;
_entity_poly.pdbx_strand_id   A,B,C,E,G,H
#
loop_
_chem_comp.id
_chem_comp.type
_chem_comp.name
_chem_comp.formula
MG non-polymer 'MAGNESIUM ION' 'Mg 2'
UDP RNA linking URIDINE-5'-DIPHOSPHATE 'C9 H14 N2 O12 P2'
#
# COMPACT_ATOMS: atom_id res chain seq x y z
N MET A 10 -5.23 28.95 -14.14
CA MET A 10 -5.17 27.75 -14.97
C MET A 10 -5.31 26.50 -14.12
N SER A 11 -5.22 26.67 -12.80
CA SER A 11 -5.32 25.54 -11.89
C SER A 11 -6.75 25.16 -11.56
N ASN A 12 -7.76 25.86 -12.10
CA ASN A 12 -9.15 25.52 -11.86
C ASN A 12 -9.77 24.76 -13.04
N GLU A 13 -8.94 24.21 -13.91
CA GLU A 13 -9.43 23.35 -14.98
C GLU A 13 -10.07 22.10 -14.38
N GLN A 14 -11.20 21.69 -14.95
CA GLN A 14 -11.95 20.54 -14.45
C GLN A 14 -12.07 19.49 -15.54
N THR A 15 -12.22 18.23 -15.11
CA THR A 15 -12.44 17.12 -16.03
C THR A 15 -13.43 16.15 -15.40
N PHE A 16 -14.03 15.32 -16.24
CA PHE A 16 -15.01 14.33 -15.80
C PHE A 16 -14.35 12.97 -15.77
N ILE A 17 -14.36 12.34 -14.60
CA ILE A 17 -13.81 10.99 -14.41
C ILE A 17 -14.94 10.10 -13.91
N ALA A 18 -15.10 8.96 -14.56
CA ALA A 18 -16.13 7.99 -14.18
C ALA A 18 -15.49 6.64 -13.98
N ILE A 19 -15.88 5.96 -12.91
CA ILE A 19 -15.53 4.56 -12.71
C ILE A 19 -16.66 3.72 -13.30
N LYS A 20 -16.33 2.93 -14.32
CA LYS A 20 -17.32 2.15 -15.04
C LYS A 20 -17.79 0.99 -14.18
N PRO A 21 -18.88 0.31 -14.58
CA PRO A 21 -19.42 -0.77 -13.73
C PRO A 21 -18.43 -1.88 -13.41
N ASP A 22 -17.52 -2.21 -14.33
CA ASP A 22 -16.53 -3.24 -14.01
C ASP A 22 -15.56 -2.76 -12.94
N GLY A 23 -15.23 -1.47 -12.94
CA GLY A 23 -14.37 -0.94 -11.89
C GLY A 23 -15.05 -0.95 -10.53
N VAL A 24 -16.37 -0.69 -10.52
CA VAL A 24 -17.12 -0.74 -9.28
C VAL A 24 -17.23 -2.18 -8.80
N GLN A 25 -17.53 -3.11 -9.71
CA GLN A 25 -17.72 -4.50 -9.35
C GLN A 25 -16.43 -5.12 -8.78
N ARG A 26 -15.28 -4.70 -9.28
CA ARG A 26 -14.00 -5.29 -8.90
C ARG A 26 -13.34 -4.57 -7.72
N GLY A 27 -14.05 -3.64 -7.09
CA GLY A 27 -13.55 -2.98 -5.89
C GLY A 27 -12.40 -2.03 -6.14
N LEU A 28 -12.52 -1.20 -7.17
CA LEU A 28 -11.46 -0.27 -7.55
C LEU A 28 -11.80 1.18 -7.26
N ILE A 29 -12.88 1.44 -6.50
CA ILE A 29 -13.29 2.82 -6.24
C ILE A 29 -12.21 3.54 -5.45
N GLY A 30 -11.80 2.96 -4.32
CA GLY A 30 -10.76 3.52 -3.48
C GLY A 30 -9.44 3.76 -4.20
N PRO A 31 -8.86 2.73 -4.81
CA PRO A 31 -7.57 2.92 -5.49
C PRO A 31 -7.60 3.98 -6.58
N ILE A 32 -8.69 4.06 -7.35
CA ILE A 32 -8.77 5.05 -8.41
C ILE A 32 -8.87 6.46 -7.84
N ILE A 33 -9.71 6.65 -6.81
CA ILE A 33 -9.81 7.95 -6.15
C ILE A 33 -8.45 8.35 -5.57
N SER A 34 -7.73 7.39 -4.97
CA SER A 34 -6.43 7.70 -4.39
C SER A 34 -5.42 8.14 -5.45
N ARG A 35 -5.53 7.63 -6.67
CA ARG A 35 -4.61 8.08 -7.72
C ARG A 35 -4.72 9.58 -7.95
N PHE A 36 -5.95 10.09 -8.00
CA PHE A 36 -6.15 11.52 -8.22
C PHE A 36 -5.91 12.33 -6.95
N GLU A 37 -6.29 11.79 -5.80
CA GLU A 37 -6.04 12.46 -4.53
C GLU A 37 -4.55 12.65 -4.28
N ASN A 38 -3.77 11.58 -4.45
CA ASN A 38 -2.34 11.67 -4.19
C ASN A 38 -1.63 12.59 -5.18
N ARG A 39 -2.13 12.68 -6.41
CA ARG A 39 -1.49 13.52 -7.41
C ARG A 39 -1.62 15.00 -7.06
N GLY A 40 -2.66 15.37 -6.32
CA GLY A 40 -2.87 16.75 -5.93
C GLY A 40 -4.12 17.39 -6.49
N PHE A 41 -4.93 16.65 -7.25
CA PHE A 41 -6.15 17.20 -7.79
C PHE A 41 -7.25 17.24 -6.73
N LYS A 42 -8.22 18.13 -6.95
CA LYS A 42 -9.29 18.39 -6.00
C LYS A 42 -10.59 17.78 -6.51
N LEU A 43 -11.26 17.02 -5.64
CA LEU A 43 -12.56 16.44 -5.96
C LEU A 43 -13.64 17.48 -5.65
N VAL A 44 -14.32 17.96 -6.69
CA VAL A 44 -15.36 18.97 -6.51
C VAL A 44 -16.76 18.41 -6.68
N ALA A 45 -16.91 17.19 -7.20
CA ALA A 45 -18.23 16.59 -7.35
C ALA A 45 -18.07 15.08 -7.47
N MET A 46 -18.95 14.34 -6.79
CA MET A 46 -18.92 12.88 -6.89
C MET A 46 -20.29 12.33 -6.50
N LYS A 47 -20.71 11.28 -7.21
CA LYS A 47 -21.93 10.57 -6.85
C LYS A 47 -21.93 9.21 -7.52
N LEU A 48 -22.40 8.20 -6.78
CA LEU A 48 -22.65 6.88 -7.34
C LEU A 48 -24.03 6.89 -8.00
N VAL A 49 -24.09 6.60 -9.29
CA VAL A 49 -25.35 6.67 -10.04
C VAL A 49 -25.45 5.49 -11.00
N SER A 50 -26.69 5.15 -11.32
CA SER A 50 -27.02 4.30 -12.48
C SER A 50 -27.90 5.17 -13.37
N PRO A 51 -27.30 5.95 -14.28
CA PRO A 51 -28.04 6.97 -15.01
C PRO A 51 -28.97 6.34 -16.03
N PRO A 52 -29.95 7.10 -16.53
CA PRO A 52 -30.83 6.57 -17.57
C PRO A 52 -30.09 6.36 -18.89
N GLN A 53 -30.63 5.46 -19.71
CA GLN A 53 -29.98 5.10 -20.96
C GLN A 53 -29.82 6.30 -21.89
N SER A 54 -30.76 7.25 -21.85
CA SER A 54 -30.67 8.42 -22.71
C SER A 54 -29.43 9.25 -22.38
N GLN A 55 -29.07 9.33 -21.09
CA GLN A 55 -27.86 10.05 -20.71
C GLN A 55 -26.61 9.34 -21.21
N LEU A 56 -26.59 8.00 -21.10
CA LEU A 56 -25.43 7.25 -21.59
C LEU A 56 -25.28 7.40 -23.10
N GLU A 57 -26.38 7.31 -23.84
CA GLU A 57 -26.32 7.48 -25.29
C GLU A 57 -25.86 8.88 -25.66
N GLN A 58 -26.28 9.88 -24.88
CA GLN A 58 -25.79 11.25 -25.13
C GLN A 58 -24.31 11.36 -24.77
N HIS A 59 -23.88 10.67 -23.72
CA HIS A 59 -22.46 10.68 -23.37
C HIS A 59 -21.60 10.13 -24.49
N TYR A 60 -22.03 9.02 -25.09
CA TYR A 60 -21.32 8.40 -26.20
C TYR A 60 -21.96 8.74 -27.54
N ALA A 61 -22.45 9.98 -27.68
CA ALA A 61 -23.15 10.37 -28.91
C ALA A 61 -22.25 10.26 -30.13
N ASP A 62 -20.95 10.45 -29.97
CA ASP A 62 -20.03 10.37 -31.11
C ASP A 62 -20.01 8.98 -31.72
N LEU A 63 -20.34 7.95 -30.93
CA LEU A 63 -20.18 6.57 -31.35
C LEU A 63 -21.52 5.89 -31.62
N SER A 64 -22.58 6.66 -31.83
CA SER A 64 -23.92 6.08 -31.92
C SER A 64 -24.09 5.18 -33.14
N ASP A 65 -23.23 5.32 -34.15
CA ASP A 65 -23.28 4.48 -35.34
C ASP A 65 -22.23 3.39 -35.34
N LYS A 66 -21.35 3.36 -34.35
CA LYS A 66 -20.35 2.31 -34.26
C LYS A 66 -21.05 0.96 -34.04
N PRO A 67 -20.42 -0.15 -34.48
CA PRO A 67 -21.07 -1.45 -34.30
C PRO A 67 -21.19 -1.88 -32.85
N PHE A 68 -20.30 -1.42 -31.99
CA PHE A 68 -20.30 -1.80 -30.57
C PHE A 68 -21.10 -0.84 -29.70
N PHE A 69 -21.92 0.03 -30.30
CA PHE A 69 -22.59 1.07 -29.53
C PHE A 69 -23.62 0.48 -28.58
N LYS A 70 -24.50 -0.39 -29.09
CA LYS A 70 -25.54 -0.96 -28.24
C LYS A 70 -24.94 -1.84 -27.15
N GLY A 71 -23.89 -2.60 -27.48
CA GLY A 71 -23.23 -3.40 -26.45
C GLY A 71 -22.52 -2.54 -25.42
N LEU A 72 -21.92 -1.43 -25.87
CA LEU A 72 -21.30 -0.50 -24.93
C LEU A 72 -22.34 0.14 -24.03
N VAL A 73 -23.46 0.58 -24.60
CA VAL A 73 -24.54 1.16 -23.79
C VAL A 73 -25.08 0.12 -22.82
N SER A 74 -25.23 -1.13 -23.27
CA SER A 74 -25.76 -2.17 -22.41
C SER A 74 -24.83 -2.42 -21.23
N TYR A 75 -23.52 -2.48 -21.47
CA TYR A 75 -22.57 -2.71 -20.40
C TYR A 75 -22.49 -1.52 -19.45
N MET A 76 -22.61 -0.29 -19.96
CA MET A 76 -22.62 0.87 -19.08
C MET A 76 -23.88 0.94 -18.22
N LEU A 77 -24.93 0.18 -18.56
CA LEU A 77 -26.14 0.09 -17.76
C LEU A 77 -26.10 -1.07 -16.77
N SER A 78 -25.10 -1.94 -16.85
CA SER A 78 -25.11 -3.21 -16.11
C SER A 78 -24.69 -3.08 -14.65
N GLY A 79 -24.38 -1.88 -14.18
CA GLY A 79 -23.97 -1.71 -12.81
C GLY A 79 -23.77 -0.24 -12.44
N PRO A 80 -23.56 0.03 -11.16
CA PRO A 80 -23.37 1.42 -10.73
C PRO A 80 -22.14 2.04 -11.37
N ILE A 81 -22.16 3.37 -11.42
CA ILE A 81 -21.05 4.16 -11.94
C ILE A 81 -20.70 5.21 -10.90
N CYS A 82 -19.42 5.36 -10.62
CA CYS A 82 -18.92 6.41 -9.73
C CYS A 82 -18.52 7.60 -10.61
N ALA A 83 -19.36 8.62 -10.63
CA ALA A 83 -19.13 9.81 -11.45
C ALA A 83 -18.45 10.88 -10.60
N MET A 84 -17.40 11.49 -11.15
CA MET A 84 -16.61 12.46 -10.41
C MET A 84 -16.23 13.63 -11.29
N VAL A 85 -16.01 14.78 -10.64
CA VAL A 85 -15.37 15.93 -11.26
C VAL A 85 -14.11 16.24 -10.48
N TRP A 86 -12.97 16.30 -11.17
CA TRP A 86 -11.69 16.60 -10.56
C TRP A 86 -11.16 17.92 -11.10
N GLU A 87 -10.53 18.70 -10.23
CA GLU A 87 -10.09 20.05 -10.55
C GLU A 87 -8.59 20.19 -10.29
N GLY A 88 -7.91 20.83 -11.22
CA GLY A 88 -6.48 21.03 -11.10
C GLY A 88 -5.89 21.44 -12.44
N ARG A 89 -4.65 21.92 -12.38
CA ARG A 89 -4.00 22.40 -13.58
C ARG A 89 -3.76 21.25 -14.56
N ASP A 90 -4.24 21.42 -15.78
CA ASP A 90 -4.09 20.41 -16.84
C ASP A 90 -4.67 19.06 -16.42
N VAL A 91 -5.75 19.09 -15.64
CA VAL A 91 -6.31 17.84 -15.11
C VAL A 91 -6.86 16.97 -16.23
N VAL A 92 -7.31 17.58 -17.33
CA VAL A 92 -7.86 16.79 -18.44
C VAL A 92 -6.77 15.92 -19.07
N LYS A 93 -5.67 16.54 -19.51
CA LYS A 93 -4.60 15.79 -20.16
C LYS A 93 -3.91 14.85 -19.17
N THR A 94 -3.57 15.34 -17.99
CA THR A 94 -2.91 14.50 -16.99
C THR A 94 -3.85 13.43 -16.46
N GLY A 95 -5.14 13.74 -16.33
CA GLY A 95 -6.11 12.71 -15.96
C GLY A 95 -6.13 11.56 -16.94
N ARG A 96 -6.09 11.88 -18.25
CA ARG A 96 -5.99 10.82 -19.26
C ARG A 96 -4.71 10.01 -19.09
N THR A 97 -3.61 10.68 -18.76
CA THR A 97 -2.34 9.97 -18.57
C THR A 97 -2.41 9.06 -17.35
N ILE A 98 -3.07 9.51 -16.28
CA ILE A 98 -3.20 8.69 -15.08
C ILE A 98 -4.03 7.44 -15.38
N LEU A 99 -5.08 7.58 -16.20
CA LEU A 99 -5.90 6.42 -16.55
C LEU A 99 -5.15 5.43 -17.42
N GLY A 100 -4.25 5.91 -18.28
CA GLY A 100 -3.56 5.06 -19.23
C GLY A 100 -4.29 4.98 -20.56
N ALA A 101 -3.65 4.31 -21.51
CA ALA A 101 -4.19 4.17 -22.85
C ALA A 101 -5.57 3.55 -22.82
N THR A 102 -6.44 4.02 -23.72
CA THR A 102 -7.82 3.54 -23.78
C THR A 102 -7.88 2.02 -23.87
N ASN A 103 -7.00 1.43 -24.67
CA ASN A 103 -6.88 -0.02 -24.71
C ASN A 103 -5.85 -0.45 -23.67
N PRO A 104 -6.24 -1.21 -22.64
CA PRO A 104 -5.28 -1.57 -21.58
C PRO A 104 -4.08 -2.34 -22.08
N LEU A 105 -4.21 -3.06 -23.19
CA LEU A 105 -3.08 -3.82 -23.73
C LEU A 105 -1.94 -2.92 -24.17
N ALA A 106 -2.21 -1.65 -24.43
CA ALA A 106 -1.19 -0.69 -24.81
C ALA A 106 -0.84 0.27 -23.69
N SER A 107 -1.33 0.02 -22.47
CA SER A 107 -1.11 0.92 -21.35
C SER A 107 0.14 0.51 -20.58
N ALA A 108 0.71 1.49 -19.88
CA ALA A 108 1.90 1.25 -19.09
C ALA A 108 1.54 0.92 -17.65
N PRO A 109 2.22 -0.05 -17.03
CA PRO A 109 2.05 -0.28 -15.60
C PRO A 109 2.36 0.99 -14.81
N GLY A 110 1.60 1.21 -13.75
CA GLY A 110 1.66 2.44 -12.99
C GLY A 110 0.50 3.37 -13.26
N THR A 111 -0.17 3.22 -14.39
CA THR A 111 -1.44 3.88 -14.63
C THR A 111 -2.56 2.97 -14.14
N ILE A 112 -3.78 3.51 -14.12
CA ILE A 112 -4.92 2.74 -13.64
C ILE A 112 -5.15 1.51 -14.53
N ARG A 113 -5.28 1.73 -15.83
CA ARG A 113 -5.52 0.59 -16.73
C ARG A 113 -4.32 -0.33 -16.81
N GLY A 114 -3.10 0.22 -16.67
CA GLY A 114 -1.91 -0.60 -16.65
C GLY A 114 -1.73 -1.44 -15.40
N ASP A 115 -2.50 -1.14 -14.35
CA ASP A 115 -2.44 -1.91 -13.12
C ASP A 115 -3.62 -2.84 -12.93
N PHE A 116 -4.77 -2.54 -13.53
CA PHE A 116 -6.01 -3.22 -13.18
C PHE A 116 -6.83 -3.76 -14.36
N ALA A 117 -6.50 -3.42 -15.61
CA ALA A 117 -7.42 -3.70 -16.71
C ALA A 117 -6.73 -4.47 -17.84
N ILE A 118 -7.56 -5.14 -18.64
CA ILE A 118 -7.07 -5.99 -19.73
C ILE A 118 -7.79 -5.67 -21.04
N ASP A 119 -9.12 -5.68 -21.02
CA ASP A 119 -9.93 -5.51 -22.23
C ASP A 119 -10.38 -4.08 -22.41
N VAL A 120 -10.33 -3.60 -23.67
CA VAL A 120 -10.72 -2.22 -23.95
C VAL A 120 -12.19 -2.01 -23.63
N GLY A 121 -13.02 -3.03 -23.86
CA GLY A 121 -14.41 -2.99 -23.43
C GLY A 121 -14.62 -3.17 -21.95
N ARG A 122 -13.55 -3.36 -21.18
CA ARG A 122 -13.60 -3.46 -19.73
C ARG A 122 -12.43 -2.67 -19.14
N ASN A 123 -12.32 -1.39 -19.48
CA ASN A 123 -11.20 -0.56 -19.04
C ASN A 123 -11.52 0.28 -17.82
N VAL A 124 -12.53 -0.12 -17.04
CA VAL A 124 -12.79 0.25 -15.65
C VAL A 124 -13.02 1.75 -15.42
N CYS A 125 -12.67 2.61 -16.37
CA CYS A 125 -12.82 4.03 -16.09
C CYS A 125 -13.01 4.82 -17.38
N HIS A 126 -13.44 6.07 -17.22
CA HIS A 126 -13.56 7.02 -18.31
C HIS A 126 -12.97 8.38 -17.90
N GLY A 127 -12.35 9.04 -18.87
CA GLY A 127 -11.89 10.40 -18.68
C GLY A 127 -12.12 11.28 -19.89
N SER A 128 -12.57 12.52 -19.67
CA SER A 128 -12.78 13.46 -20.76
C SER A 128 -11.49 13.64 -21.56
N ASP A 129 -11.63 13.73 -22.88
CA ASP A 129 -10.48 13.83 -23.75
C ASP A 129 -10.10 15.27 -24.11
N SER A 130 -10.89 16.24 -23.68
CA SER A 130 -10.59 17.64 -23.98
C SER A 130 -11.34 18.54 -23.00
N VAL A 131 -10.83 19.77 -22.86
CA VAL A 131 -11.48 20.74 -21.97
C VAL A 131 -12.91 20.98 -22.40
N GLU A 132 -13.15 21.14 -23.70
CA GLU A 132 -14.50 21.37 -24.19
C GLU A 132 -15.40 20.17 -23.93
N ASN A 133 -14.91 18.97 -24.21
CA ASN A 133 -15.70 17.77 -23.93
C ASN A 133 -15.96 17.62 -22.44
N ALA A 134 -14.98 17.99 -21.61
CA ALA A 134 -15.18 17.92 -20.17
C ALA A 134 -16.34 18.81 -19.73
N LYS A 135 -16.40 20.02 -20.25
CA LYS A 135 -17.48 20.94 -19.87
C LYS A 135 -18.84 20.39 -20.25
N LYS A 136 -18.93 19.72 -21.40
CA LYS A 136 -20.17 19.05 -21.77
C LYS A 136 -20.49 17.91 -20.81
N GLU A 137 -19.52 17.03 -20.59
CA GLU A 137 -19.78 15.84 -19.78
C GLU A 137 -20.12 16.20 -18.34
N ILE A 138 -19.50 17.25 -17.80
CA ILE A 138 -19.84 17.70 -16.45
C ILE A 138 -21.29 18.16 -16.39
N ALA A 139 -21.70 18.97 -17.37
CA ALA A 139 -23.08 19.44 -17.40
C ALA A 139 -24.06 18.30 -17.67
N LEU A 140 -23.63 17.27 -18.38
CA LEU A 140 -24.50 16.14 -18.65
C LEU A 140 -24.74 15.30 -17.40
N TRP A 141 -23.68 15.02 -16.64
CA TRP A 141 -23.75 14.10 -15.51
C TRP A 141 -24.12 14.77 -14.19
N PHE A 142 -23.84 16.06 -14.03
CA PHE A 142 -23.97 16.71 -12.74
C PHE A 142 -24.85 17.96 -12.85
N LYS A 143 -25.71 18.14 -11.84
CA LYS A 143 -26.38 19.42 -11.68
C LYS A 143 -25.38 20.46 -11.15
N PRO A 144 -25.61 21.74 -11.43
CA PRO A 144 -24.64 22.76 -10.97
C PRO A 144 -24.47 22.79 -9.47
N GLU A 145 -25.54 22.60 -8.71
CA GLU A 145 -25.44 22.62 -7.26
C GLU A 145 -24.71 21.41 -6.69
N GLU A 146 -24.35 20.43 -7.52
CA GLU A 146 -23.61 19.27 -7.06
C GLU A 146 -22.10 19.47 -7.10
N LEU A 147 -21.62 20.53 -7.73
CA LEU A 147 -20.21 20.88 -7.67
C LEU A 147 -19.94 21.70 -6.41
N ILE A 148 -19.00 21.22 -5.61
CA ILE A 148 -18.72 21.81 -4.30
C ILE A 148 -17.50 22.71 -4.42
N SER A 149 -17.67 23.98 -4.04
CA SER A 149 -16.57 24.94 -4.05
C SER A 149 -15.85 24.87 -2.71
N TRP A 150 -14.55 24.57 -2.75
CA TRP A 150 -13.76 24.57 -1.53
C TRP A 150 -12.30 24.75 -1.90
N LYS A 151 -11.50 25.08 -0.90
CA LYS A 151 -10.08 25.38 -1.06
C LYS A 151 -9.28 24.37 -0.26
N SER A 152 -8.41 23.62 -0.95
CA SER A 152 -7.58 22.63 -0.29
C SER A 152 -6.58 23.32 0.65
N ALA A 153 -6.36 22.69 1.81
CA ALA A 153 -5.42 23.24 2.78
C ALA A 153 -3.99 23.28 2.25
N THR A 154 -3.65 22.44 1.26
CA THR A 154 -2.31 22.38 0.70
C THR A 154 -2.23 22.97 -0.69
N PHE A 155 -3.18 23.84 -1.06
CA PHE A 155 -3.20 24.41 -2.41
C PHE A 155 -1.89 25.11 -2.74
N ASP A 156 -1.36 25.89 -1.80
CA ASP A 156 -0.13 26.62 -2.07
C ASP A 156 1.10 25.73 -2.03
N TRP A 157 0.98 24.51 -1.54
CA TRP A 157 2.06 23.54 -1.61
C TRP A 157 1.98 22.66 -2.85
N VAL A 158 0.81 22.59 -3.49
CA VAL A 158 0.66 21.88 -4.75
C VAL A 158 0.92 22.80 -5.94
N TYR A 159 0.48 24.06 -5.85
CA TYR A 159 0.60 25.01 -6.93
C TYR A 159 1.47 26.19 -6.52
N GLU A 160 2.24 26.70 -7.47
CA GLU A 160 3.04 27.90 -7.29
C GLU A 160 2.33 29.15 -7.78
N LYS A 161 1.23 29.00 -8.52
CA LYS A 161 0.55 30.12 -9.16
C LYS A 161 -0.87 29.70 -9.49
N ALA A 162 -1.63 30.64 -10.06
CA ALA A 162 -2.94 30.36 -10.66
C ALA A 162 -3.89 29.61 -9.74
N GLY B 8 -32.64 -13.35 11.75
CA GLY B 8 -31.19 -13.34 11.66
C GLY B 8 -30.67 -12.08 10.98
N SER B 9 -29.47 -11.65 11.37
CA SER B 9 -28.84 -10.48 10.76
C SER B 9 -28.48 -10.80 9.31
N MET B 10 -29.14 -10.13 8.38
CA MET B 10 -29.03 -10.47 6.97
C MET B 10 -27.94 -9.65 6.29
N SER B 11 -27.66 -10.01 5.03
CA SER B 11 -26.59 -9.37 4.27
C SER B 11 -26.99 -8.04 3.65
N ASN B 12 -28.25 -7.62 3.80
CA ASN B 12 -28.69 -6.35 3.23
C ASN B 12 -28.88 -5.29 4.30
N GLU B 13 -28.29 -5.48 5.48
CA GLU B 13 -28.22 -4.41 6.47
C GLU B 13 -27.45 -3.23 5.90
N GLN B 14 -27.83 -2.02 6.33
CA GLN B 14 -27.26 -0.80 5.78
C GLN B 14 -26.83 0.13 6.90
N THR B 15 -25.78 0.90 6.65
CA THR B 15 -25.29 1.91 7.59
C THR B 15 -24.90 3.15 6.81
N PHE B 16 -24.81 4.26 7.53
CA PHE B 16 -24.43 5.56 6.96
C PHE B 16 -23.02 5.89 7.41
N ILE B 17 -22.10 5.96 6.45
CA ILE B 17 -20.71 6.35 6.71
C ILE B 17 -20.47 7.69 6.03
N ALA B 18 -19.83 8.61 6.75
CA ALA B 18 -19.50 9.92 6.20
C ALA B 18 -18.04 10.23 6.47
N ILE B 19 -17.36 10.74 5.46
CA ILE B 19 -16.01 11.28 5.64
C ILE B 19 -16.18 12.76 5.96
N LYS B 20 -15.77 13.15 7.17
CA LYS B 20 -15.95 14.51 7.65
C LYS B 20 -15.04 15.45 6.87
N PRO B 21 -15.23 16.76 7.01
CA PRO B 21 -14.40 17.71 6.24
C PRO B 21 -12.89 17.55 6.44
N ASP B 22 -12.44 17.18 7.63
CA ASP B 22 -11.01 16.99 7.84
C ASP B 22 -10.49 15.77 7.08
N GLY B 23 -11.31 14.73 6.94
CA GLY B 23 -10.91 13.59 6.15
C GLY B 23 -10.80 13.92 4.67
N VAL B 24 -11.71 14.78 4.17
CA VAL B 24 -11.61 15.24 2.79
C VAL B 24 -10.39 16.14 2.61
N GLN B 25 -10.15 17.03 3.58
CA GLN B 25 -9.06 18.00 3.44
C GLN B 25 -7.69 17.31 3.46
N ARG B 26 -7.55 16.24 4.24
CA ARG B 26 -6.27 15.56 4.38
C ARG B 26 -6.07 14.44 3.38
N GLY B 27 -6.95 14.32 2.38
CA GLY B 27 -6.76 13.33 1.32
C GLY B 27 -6.97 11.89 1.76
N LEU B 28 -8.01 11.62 2.53
CA LEU B 28 -8.28 10.28 3.03
C LEU B 28 -9.51 9.63 2.40
N ILE B 29 -10.06 10.22 1.33
CA ILE B 29 -11.27 9.67 0.72
C ILE B 29 -11.01 8.26 0.20
N GLY B 30 -10.00 8.11 -0.65
CA GLY B 30 -9.60 6.83 -1.18
C GLY B 30 -9.31 5.77 -0.13
N PRO B 31 -8.40 6.07 0.81
CA PRO B 31 -8.10 5.09 1.86
C PRO B 31 -9.31 4.63 2.66
N ILE B 32 -10.19 5.55 3.04
CA ILE B 32 -11.35 5.18 3.85
C ILE B 32 -12.29 4.28 3.07
N ILE B 33 -12.55 4.63 1.80
CA ILE B 33 -13.42 3.80 0.97
C ILE B 33 -12.81 2.40 0.78
N SER B 34 -11.49 2.33 0.64
CA SER B 34 -10.83 1.04 0.46
C SER B 34 -11.05 0.12 1.65
N ARG B 35 -11.00 0.66 2.88
CA ARG B 35 -11.21 -0.17 4.06
C ARG B 35 -12.54 -0.89 3.99
N PHE B 36 -13.59 -0.21 3.53
CA PHE B 36 -14.91 -0.84 3.42
C PHE B 36 -15.01 -1.71 2.18
N GLU B 37 -14.36 -1.31 1.08
CA GLU B 37 -14.33 -2.15 -0.11
C GLU B 37 -13.61 -3.47 0.18
N ASN B 38 -12.43 -3.39 0.78
CA ASN B 38 -11.64 -4.60 1.02
C ASN B 38 -12.32 -5.55 1.99
N ARG B 39 -13.09 -5.02 2.94
CA ARG B 39 -13.75 -5.86 3.92
C ARG B 39 -14.85 -6.72 3.31
N GLY B 40 -15.40 -6.31 2.17
CA GLY B 40 -16.50 -7.02 1.53
C GLY B 40 -17.82 -6.30 1.56
N PHE B 41 -17.89 -5.10 2.13
CA PHE B 41 -19.13 -4.35 2.16
C PHE B 41 -19.40 -3.71 0.80
N LYS B 42 -20.68 -3.46 0.52
CA LYS B 42 -21.13 -2.97 -0.77
C LYS B 42 -21.56 -1.51 -0.66
N LEU B 43 -21.01 -0.67 -1.52
CA LEU B 43 -21.42 0.73 -1.60
C LEU B 43 -22.68 0.83 -2.44
N VAL B 44 -23.77 1.29 -1.84
CA VAL B 44 -25.05 1.45 -2.55
C VAL B 44 -25.45 2.91 -2.72
N ALA B 45 -24.79 3.84 -2.05
CA ALA B 45 -25.08 5.25 -2.21
C ALA B 45 -23.85 6.06 -1.82
N MET B 46 -23.56 7.12 -2.57
CA MET B 46 -22.45 7.99 -2.26
C MET B 46 -22.64 9.33 -2.98
N LYS B 47 -22.29 10.41 -2.29
CA LYS B 47 -22.25 11.72 -2.93
C LYS B 47 -21.37 12.66 -2.11
N LEU B 48 -20.63 13.51 -2.81
CA LEU B 48 -19.94 14.62 -2.16
C LEU B 48 -20.92 15.77 -1.98
N VAL B 49 -21.10 16.23 -0.74
CA VAL B 49 -22.16 17.17 -0.41
C VAL B 49 -21.65 18.20 0.59
N SER B 50 -22.25 19.38 0.54
CA SER B 50 -22.04 20.43 1.54
C SER B 50 -23.40 20.75 2.13
N PRO B 51 -23.85 19.99 3.13
CA PRO B 51 -25.23 20.09 3.60
C PRO B 51 -25.44 21.33 4.44
N PRO B 52 -26.67 21.83 4.51
CA PRO B 52 -26.95 23.01 5.33
C PRO B 52 -26.87 22.71 6.82
N GLN B 53 -26.74 23.77 7.61
CA GLN B 53 -26.56 23.62 9.05
C GLN B 53 -27.74 22.91 9.69
N SER B 54 -28.96 23.15 9.19
CA SER B 54 -30.14 22.49 9.75
C SER B 54 -30.01 20.97 9.63
N GLN B 55 -29.59 20.49 8.47
CA GLN B 55 -29.39 19.04 8.29
C GLN B 55 -28.35 18.50 9.26
N LEU B 56 -27.28 19.27 9.49
CA LEU B 56 -26.22 18.82 10.38
C LEU B 56 -26.68 18.83 11.83
N GLU B 57 -27.48 19.83 12.22
N GLU B 57 -27.48 19.83 12.22
CA GLU B 57 -28.00 19.86 13.58
CA GLU B 57 -28.01 19.87 13.58
C GLU B 57 -29.02 18.76 13.82
C GLU B 57 -29.03 18.78 13.82
N GLN B 58 -29.77 18.38 12.78
CA GLN B 58 -30.68 17.24 12.91
C GLN B 58 -29.90 15.94 13.05
N HIS B 59 -28.83 15.79 12.26
CA HIS B 59 -28.01 14.58 12.33
C HIS B 59 -27.45 14.36 13.73
N TYR B 60 -27.09 15.44 14.42
CA TYR B 60 -26.54 15.38 15.76
C TYR B 60 -27.55 15.86 16.81
N ALA B 61 -28.83 15.60 16.59
CA ALA B 61 -29.88 16.16 17.44
C ALA B 61 -29.74 15.69 18.89
N ASP B 62 -29.33 14.45 19.09
CA ASP B 62 -29.22 13.92 20.45
C ASP B 62 -28.07 14.52 21.25
N LEU B 63 -27.23 15.36 20.64
CA LEU B 63 -26.12 16.00 21.34
C LEU B 63 -26.28 17.52 21.40
N SER B 64 -27.48 18.04 21.14
CA SER B 64 -27.69 19.49 21.04
C SER B 64 -27.35 20.21 22.35
N ASP B 65 -27.37 19.51 23.48
CA ASP B 65 -27.06 20.11 24.77
C ASP B 65 -25.62 19.87 25.21
N LYS B 66 -24.83 19.14 24.42
CA LYS B 66 -23.45 18.89 24.79
C LYS B 66 -22.58 20.12 24.55
N PRO B 67 -21.54 20.32 25.36
CA PRO B 67 -20.75 21.55 25.25
C PRO B 67 -19.99 21.68 23.93
N PHE B 68 -19.73 20.58 23.22
CA PHE B 68 -18.98 20.63 21.97
C PHE B 68 -19.87 20.79 20.75
N PHE B 69 -21.19 20.88 20.92
CA PHE B 69 -22.11 20.79 19.79
C PHE B 69 -21.93 21.96 18.82
N LYS B 70 -21.72 23.17 19.34
CA LYS B 70 -21.62 24.35 18.47
C LYS B 70 -20.41 24.26 17.56
N GLY B 71 -19.23 23.97 18.12
CA GLY B 71 -18.05 23.79 17.30
C GLY B 71 -18.11 22.56 16.42
N LEU B 72 -18.79 21.51 16.89
CA LEU B 72 -18.95 20.30 16.09
C LEU B 72 -19.75 20.60 14.82
N VAL B 73 -20.85 21.34 14.95
CA VAL B 73 -21.65 21.69 13.79
C VAL B 73 -20.87 22.62 12.87
N SER B 74 -20.20 23.62 13.44
CA SER B 74 -19.43 24.56 12.63
C SER B 74 -18.31 23.86 11.88
N TYR B 75 -17.64 22.90 12.52
CA TYR B 75 -16.56 22.18 11.85
C TYR B 75 -17.09 21.26 10.76
N MET B 76 -18.30 20.72 10.94
CA MET B 76 -18.92 19.92 9.89
C MET B 76 -19.37 20.78 8.70
N LEU B 77 -19.49 22.09 8.88
CA LEU B 77 -19.80 23.01 7.80
C LEU B 77 -18.56 23.56 7.11
N SER B 78 -17.38 23.36 7.67
CA SER B 78 -16.17 24.00 7.17
C SER B 78 -15.60 23.36 5.90
N GLY B 79 -16.25 22.31 5.37
CA GLY B 79 -15.78 21.70 4.16
C GLY B 79 -16.70 20.60 3.66
N PRO B 80 -16.38 20.06 2.48
CA PRO B 80 -17.24 19.02 1.89
C PRO B 80 -17.26 17.77 2.75
N ILE B 81 -18.37 17.05 2.66
CA ILE B 81 -18.56 15.76 3.31
C ILE B 81 -18.79 14.73 2.21
N CYS B 82 -18.13 13.57 2.33
CA CYS B 82 -18.40 12.44 1.46
C CYS B 82 -19.37 11.52 2.18
N ALA B 83 -20.64 11.58 1.79
CA ALA B 83 -21.70 10.81 2.43
C ALA B 83 -21.90 9.49 1.69
N MET B 84 -22.00 8.40 2.45
CA MET B 84 -22.04 7.07 1.87
C MET B 84 -23.02 6.19 2.64
N VAL B 85 -23.63 5.25 1.92
CA VAL B 85 -24.39 4.16 2.52
C VAL B 85 -23.71 2.87 2.09
N TRP B 86 -23.33 2.05 3.07
CA TRP B 86 -22.69 0.76 2.83
C TRP B 86 -23.63 -0.36 3.25
N GLU B 87 -23.61 -1.45 2.50
CA GLU B 87 -24.52 -2.57 2.73
C GLU B 87 -23.73 -3.85 2.98
N GLY B 88 -24.08 -4.55 4.04
CA GLY B 88 -23.46 -5.83 4.35
C GLY B 88 -23.98 -6.36 5.66
N ARG B 89 -23.63 -7.62 5.94
CA ARG B 89 -24.05 -8.23 7.19
C ARG B 89 -23.32 -7.58 8.35
N ASP B 90 -24.08 -7.12 9.35
CA ASP B 90 -23.53 -6.49 10.54
C ASP B 90 -22.73 -5.23 10.19
N VAL B 91 -23.08 -4.58 9.07
CA VAL B 91 -22.29 -3.45 8.59
C VAL B 91 -22.33 -2.28 9.56
N VAL B 92 -23.41 -2.16 10.34
CA VAL B 92 -23.51 -1.07 11.31
C VAL B 92 -22.45 -1.24 12.39
N LYS B 93 -22.44 -2.39 13.06
CA LYS B 93 -21.52 -2.60 14.15
C LYS B 93 -20.09 -2.75 13.65
N THR B 94 -19.89 -3.58 12.62
CA THR B 94 -18.54 -3.77 12.07
C THR B 94 -18.00 -2.47 11.48
N GLY B 95 -18.86 -1.68 10.85
CA GLY B 95 -18.44 -0.36 10.40
C GLY B 95 -17.86 0.47 11.51
N ARG B 96 -18.52 0.48 12.68
CA ARG B 96 -18.01 1.21 13.83
C ARG B 96 -16.65 0.68 14.26
N THR B 97 -16.47 -0.65 14.24
CA THR B 97 -15.18 -1.23 14.60
C THR B 97 -14.09 -0.78 13.63
N ILE B 98 -14.42 -0.69 12.34
CA ILE B 98 -13.43 -0.26 11.35
C ILE B 98 -13.05 1.20 11.57
N LEU B 99 -14.02 2.04 11.93
CA LEU B 99 -13.71 3.44 12.19
C LEU B 99 -12.78 3.60 13.39
N GLY B 100 -12.96 2.75 14.41
CA GLY B 100 -12.21 2.89 15.64
C GLY B 100 -12.96 3.71 16.67
N ALA B 101 -12.37 3.76 17.87
CA ALA B 101 -12.98 4.49 18.98
C ALA B 101 -13.21 5.95 18.61
N THR B 102 -14.34 6.49 19.09
CA THR B 102 -14.71 7.87 18.79
C THR B 102 -13.57 8.84 19.08
N ASN B 103 -12.88 8.64 20.20
CA ASN B 103 -11.70 9.43 20.51
C ASN B 103 -10.49 8.71 19.96
N PRO B 104 -9.78 9.27 18.97
CA PRO B 104 -8.61 8.58 18.41
C PRO B 104 -7.55 8.24 19.44
N LEU B 105 -7.52 8.93 20.58
CA LEU B 105 -6.57 8.61 21.62
C LEU B 105 -6.77 7.19 22.15
N ALA B 106 -8.01 6.70 22.14
CA ALA B 106 -8.34 5.35 22.60
C ALA B 106 -8.58 4.38 21.46
N SER B 107 -8.20 4.72 20.23
CA SER B 107 -8.41 3.84 19.10
C SER B 107 -7.17 3.00 18.84
N ALA B 108 -7.38 1.81 18.27
CA ALA B 108 -6.30 0.88 18.00
C ALA B 108 -5.76 1.08 16.58
N PRO B 109 -4.44 1.12 16.43
CA PRO B 109 -3.84 1.15 15.09
C PRO B 109 -4.34 -0.01 14.24
N GLY B 110 -4.59 0.28 12.96
CA GLY B 110 -5.28 -0.63 12.06
C GLY B 110 -6.70 -0.20 11.77
N THR B 111 -7.35 0.50 12.70
CA THR B 111 -8.61 1.15 12.38
C THR B 111 -8.34 2.48 11.66
N ILE B 112 -9.41 3.07 11.13
CA ILE B 112 -9.29 4.33 10.42
C ILE B 112 -8.74 5.41 11.35
N ARG B 113 -9.38 5.60 12.51
CA ARG B 113 -8.91 6.62 13.44
C ARG B 113 -7.57 6.27 14.06
N GLY B 114 -7.33 4.97 14.29
CA GLY B 114 -6.03 4.55 14.80
C GLY B 114 -4.89 4.72 13.83
N ASP B 115 -5.20 4.91 12.54
CA ASP B 115 -4.19 5.14 11.53
C ASP B 115 -4.06 6.60 11.12
N PHE B 116 -5.12 7.40 11.25
CA PHE B 116 -5.16 8.70 10.57
C PHE B 116 -5.56 9.90 11.43
N ALA B 117 -6.05 9.72 12.66
CA ALA B 117 -6.60 10.84 13.42
C ALA B 117 -6.04 10.89 14.83
N ILE B 118 -6.21 12.05 15.47
CA ILE B 118 -5.68 12.31 16.80
C ILE B 118 -6.74 12.89 17.73
N ASP B 119 -7.38 13.98 17.32
CA ASP B 119 -8.34 14.69 18.16
C ASP B 119 -9.75 14.18 17.93
N VAL B 120 -10.53 14.08 19.02
CA VAL B 120 -11.90 13.61 18.90
C VAL B 120 -12.74 14.56 18.06
N GLY B 121 -12.42 15.86 18.11
CA GLY B 121 -13.07 16.84 17.26
C GLY B 121 -12.58 16.88 15.84
N ARG B 122 -11.57 16.07 15.52
CA ARG B 122 -11.08 15.90 14.16
C ARG B 122 -10.88 14.41 13.89
N ASN B 123 -11.93 13.63 14.09
CA ASN B 123 -11.83 12.18 13.93
C ASN B 123 -12.26 11.71 12.55
N VAL B 124 -12.22 12.60 11.55
CA VAL B 124 -12.12 12.20 10.15
C VAL B 124 -13.40 11.59 9.57
N CYS B 125 -14.12 10.79 10.36
CA CYS B 125 -15.23 10.04 9.82
C CYS B 125 -16.37 9.90 10.83
N HIS B 126 -17.52 9.45 10.34
CA HIS B 126 -18.70 9.20 11.15
C HIS B 126 -19.34 7.88 10.71
N GLY B 127 -19.91 7.16 11.68
CA GLY B 127 -20.67 5.96 11.39
C GLY B 127 -21.88 5.78 12.29
N SER B 128 -22.99 5.33 11.70
CA SER B 128 -24.20 5.08 12.48
C SER B 128 -23.94 4.10 13.61
N ASP B 129 -24.49 4.40 14.79
CA ASP B 129 -24.24 3.59 15.97
C ASP B 129 -25.28 2.51 16.21
N SER B 130 -26.39 2.51 15.47
CA SER B 130 -27.40 1.47 15.62
C SER B 130 -28.10 1.27 14.29
N VAL B 131 -28.78 0.12 14.17
CA VAL B 131 -29.54 -0.16 12.97
C VAL B 131 -30.66 0.85 12.78
N GLU B 132 -31.39 1.13 13.87
CA GLU B 132 -32.49 2.10 13.79
C GLU B 132 -31.96 3.49 13.46
N ASN B 133 -30.89 3.93 14.13
CA ASN B 133 -30.32 5.23 13.81
C ASN B 133 -29.72 5.27 12.41
N ALA B 134 -29.24 4.13 11.92
CA ALA B 134 -28.77 4.07 10.54
C ALA B 134 -29.89 4.38 9.56
N LYS B 135 -31.05 3.74 9.76
CA LYS B 135 -32.19 3.99 8.88
C LYS B 135 -32.62 5.45 8.93
N LYS B 136 -32.56 6.06 10.11
CA LYS B 136 -32.91 7.48 10.23
C LYS B 136 -31.90 8.36 9.51
N GLU B 137 -30.60 8.07 9.67
CA GLU B 137 -29.58 8.89 9.03
C GLU B 137 -29.59 8.72 7.52
N ILE B 138 -29.84 7.50 7.04
CA ILE B 138 -29.89 7.27 5.59
C ILE B 138 -31.01 8.09 4.96
N ALA B 139 -32.19 8.10 5.59
CA ALA B 139 -33.29 8.91 5.07
C ALA B 139 -33.01 10.40 5.19
N LEU B 140 -32.27 10.81 6.22
CA LEU B 140 -31.96 12.23 6.39
C LEU B 140 -30.99 12.71 5.32
N TRP B 141 -30.00 11.89 4.96
CA TRP B 141 -28.93 12.33 4.07
C TRP B 141 -29.18 12.00 2.61
N PHE B 142 -29.96 10.97 2.31
CA PHE B 142 -30.17 10.52 0.94
C PHE B 142 -31.65 10.48 0.62
N LYS B 143 -31.98 10.81 -0.64
CA LYS B 143 -33.26 10.44 -1.19
C LYS B 143 -33.25 8.95 -1.53
N PRO B 144 -34.41 8.29 -1.48
CA PRO B 144 -34.41 6.83 -1.70
C PRO B 144 -33.91 6.42 -3.08
N GLU B 145 -34.17 7.21 -4.13
CA GLU B 145 -33.71 6.85 -5.47
C GLU B 145 -32.22 7.09 -5.68
N GLU B 146 -31.51 7.59 -4.67
CA GLU B 146 -30.06 7.66 -4.70
C GLU B 146 -29.40 6.39 -4.15
N LEU B 147 -30.18 5.47 -3.58
CA LEU B 147 -29.67 4.17 -3.17
C LEU B 147 -29.76 3.20 -4.34
N ILE B 148 -28.62 2.70 -4.78
CA ILE B 148 -28.54 1.87 -5.99
C ILE B 148 -28.67 0.41 -5.59
N SER B 149 -29.58 -0.31 -6.26
CA SER B 149 -29.73 -1.74 -6.08
C SER B 149 -28.86 -2.47 -7.09
N TRP B 150 -27.94 -3.29 -6.59
CA TRP B 150 -27.09 -4.09 -7.46
C TRP B 150 -26.52 -5.24 -6.64
N LYS B 151 -25.96 -6.22 -7.34
CA LYS B 151 -25.40 -7.42 -6.71
C LYS B 151 -23.94 -7.58 -7.09
N SER B 152 -23.09 -7.72 -6.07
CA SER B 152 -21.67 -7.88 -6.31
C SER B 152 -21.37 -9.22 -6.94
N ALA B 153 -20.38 -9.23 -7.84
CA ALA B 153 -19.97 -10.47 -8.49
C ALA B 153 -19.34 -11.47 -7.52
N THR B 154 -18.90 -11.01 -6.35
CA THR B 154 -18.27 -11.87 -5.35
C THR B 154 -19.15 -12.07 -4.11
N PHE B 155 -20.46 -11.85 -4.25
CA PHE B 155 -21.37 -12.00 -3.11
C PHE B 155 -21.27 -13.38 -2.48
N ASP B 156 -21.32 -14.43 -3.30
CA ASP B 156 -21.28 -15.80 -2.80
C ASP B 156 -19.94 -16.18 -2.20
N TRP B 157 -18.88 -15.43 -2.48
CA TRP B 157 -17.59 -15.68 -1.86
C TRP B 157 -17.36 -14.84 -0.60
N VAL B 158 -18.10 -13.76 -0.43
CA VAL B 158 -18.07 -13.00 0.81
C VAL B 158 -19.05 -13.59 1.84
N TYR B 159 -20.19 -14.11 1.39
CA TYR B 159 -21.26 -14.55 2.26
C TYR B 159 -21.55 -16.04 2.04
N GLU B 160 -21.66 -16.78 3.14
CA GLU B 160 -22.08 -18.17 3.11
C GLU B 160 -23.60 -18.32 3.09
N LYS B 161 -24.33 -17.26 3.42
CA LYS B 161 -25.78 -17.31 3.53
C LYS B 161 -26.34 -15.91 3.24
N ALA B 162 -27.63 -15.87 2.96
CA ALA B 162 -28.29 -14.59 2.72
C ALA B 162 -28.35 -13.78 4.02
N SER C 9 15.60 -25.51 18.41
CA SER C 9 15.08 -24.74 19.53
C SER C 9 13.62 -24.38 19.30
N MET C 10 13.37 -23.20 18.75
CA MET C 10 12.00 -22.78 18.49
C MET C 10 11.90 -21.80 17.33
N SER C 11 13.05 -21.34 16.82
CA SER C 11 13.02 -20.47 15.64
C SER C 11 12.64 -21.24 14.38
N ASN C 12 12.74 -22.57 14.40
CA ASN C 12 12.38 -23.40 13.25
C ASN C 12 10.99 -24.02 13.41
N GLU C 13 10.14 -23.44 14.27
CA GLU C 13 8.77 -23.87 14.37
C GLU C 13 8.05 -23.63 13.03
N GLN C 14 7.11 -24.52 12.72
CA GLN C 14 6.41 -24.47 11.44
C GLN C 14 4.91 -24.58 11.67
N THR C 15 4.16 -23.94 10.79
CA THR C 15 2.71 -24.02 10.83
C THR C 15 2.18 -24.17 9.43
N PHE C 16 0.91 -24.54 9.33
CA PHE C 16 0.23 -24.69 8.05
C PHE C 16 -0.75 -23.53 7.88
N ILE C 17 -0.53 -22.72 6.84
CA ILE C 17 -1.44 -21.66 6.47
C ILE C 17 -2.03 -21.99 5.11
N ALA C 18 -3.34 -21.84 4.97
CA ALA C 18 -4.02 -22.08 3.71
C ALA C 18 -4.90 -20.90 3.37
N ILE C 19 -4.88 -20.51 2.10
CA ILE C 19 -5.80 -19.51 1.58
C ILE C 19 -6.98 -20.26 0.97
N LYS C 20 -8.16 -20.10 1.58
CA LYS C 20 -9.34 -20.84 1.20
C LYS C 20 -9.86 -20.34 -0.15
N PRO C 21 -10.77 -21.10 -0.80
CA PRO C 21 -11.24 -20.69 -2.14
C PRO C 21 -11.75 -19.27 -2.22
N ASP C 22 -12.45 -18.77 -1.19
CA ASP C 22 -12.92 -17.40 -1.23
C ASP C 22 -11.75 -16.41 -1.23
N GLY C 23 -10.69 -16.72 -0.50
CA GLY C 23 -9.51 -15.87 -0.54
C GLY C 23 -8.88 -15.84 -1.92
N VAL C 24 -8.86 -16.99 -2.60
CA VAL C 24 -8.32 -17.05 -3.96
C VAL C 24 -9.23 -16.31 -4.92
N GLN C 25 -10.55 -16.52 -4.80
CA GLN C 25 -11.50 -15.92 -5.72
C GLN C 25 -11.53 -14.40 -5.60
N ARG C 26 -11.29 -13.87 -4.41
CA ARG C 26 -11.34 -12.44 -4.16
C ARG C 26 -9.99 -11.75 -4.38
N GLY C 27 -9.01 -12.46 -4.93
CA GLY C 27 -7.74 -11.86 -5.26
C GLY C 27 -6.93 -11.42 -4.05
N LEU C 28 -6.86 -12.27 -3.03
CA LEU C 28 -6.18 -11.95 -1.79
C LEU C 28 -4.91 -12.77 -1.58
N ILE C 29 -4.42 -13.46 -2.60
CA ILE C 29 -3.24 -14.30 -2.42
C ILE C 29 -2.02 -13.44 -2.07
N GLY C 30 -1.76 -12.43 -2.89
CA GLY C 30 -0.65 -11.52 -2.65
C GLY C 30 -0.67 -10.86 -1.28
N PRO C 31 -1.78 -10.19 -0.93
CA PRO C 31 -1.84 -9.52 0.39
C PRO C 31 -1.61 -10.46 1.57
N ILE C 32 -2.15 -11.67 1.51
CA ILE C 32 -2.00 -12.59 2.64
C ILE C 32 -0.56 -13.05 2.77
N ILE C 33 0.09 -13.38 1.65
CA ILE C 33 1.50 -13.75 1.70
C ILE C 33 2.32 -12.60 2.25
N SER C 34 2.00 -11.37 1.86
CA SER C 34 2.77 -10.21 2.33
C SER C 34 2.66 -10.04 3.84
N ARG C 35 1.54 -10.42 4.44
CA ARG C 35 1.42 -10.31 5.89
C ARG C 35 2.46 -11.18 6.60
N PHE C 36 2.65 -12.40 6.12
CA PHE C 36 3.64 -13.28 6.73
C PHE C 36 5.05 -12.93 6.31
N GLU C 37 5.24 -12.55 5.04
CA GLU C 37 6.55 -12.08 4.59
C GLU C 37 7.04 -10.90 5.43
N ASN C 38 6.20 -9.86 5.56
CA ASN C 38 6.59 -8.65 6.27
C ASN C 38 6.88 -8.91 7.74
N ARG C 39 6.16 -9.85 8.36
CA ARG C 39 6.36 -10.11 9.78
C ARG C 39 7.74 -10.68 10.06
N GLY C 40 8.34 -11.37 9.09
CA GLY C 40 9.65 -11.97 9.24
C GLY C 40 9.65 -13.48 9.15
N PHE C 41 8.52 -14.12 8.94
CA PHE C 41 8.47 -15.57 8.83
C PHE C 41 8.98 -16.03 7.47
N LYS C 42 9.45 -17.28 7.42
CA LYS C 42 10.06 -17.85 6.23
C LYS C 42 9.09 -18.82 5.57
N LEU C 43 8.82 -18.60 4.28
CA LEU C 43 8.01 -19.51 3.49
C LEU C 43 8.86 -20.68 3.03
N VAL C 44 8.53 -21.89 3.51
CA VAL C 44 9.30 -23.08 3.15
C VAL C 44 8.55 -24.02 2.21
N ALA C 45 7.25 -23.84 2.04
CA ALA C 45 6.49 -24.68 1.13
C ALA C 45 5.23 -23.93 0.70
N MET C 46 4.85 -24.10 -0.56
CA MET C 46 3.64 -23.47 -1.07
C MET C 46 3.24 -24.17 -2.36
N LYS C 47 1.93 -24.31 -2.58
CA LYS C 47 1.42 -24.81 -3.84
C LYS C 47 -0.05 -24.45 -3.95
N LEU C 48 -0.49 -24.14 -5.17
CA LEU C 48 -1.91 -24.06 -5.49
C LEU C 48 -2.40 -25.47 -5.78
N VAL C 49 -3.47 -25.87 -5.09
CA VAL C 49 -3.90 -27.26 -5.11
C VAL C 49 -5.42 -27.30 -5.01
N SER C 50 -6.01 -28.35 -5.60
CA SER C 50 -7.44 -28.64 -5.48
C SER C 50 -7.56 -30.02 -4.88
N PRO C 51 -7.53 -30.15 -3.55
CA PRO C 51 -7.39 -31.46 -2.93
C PRO C 51 -8.69 -32.24 -3.00
N PRO C 52 -8.63 -33.57 -2.98
CA PRO C 52 -9.86 -34.37 -2.99
C PRO C 52 -10.62 -34.25 -1.68
N GLN C 53 -11.87 -34.71 -1.71
CA GLN C 53 -12.76 -34.57 -0.56
C GLN C 53 -12.24 -35.32 0.66
N SER C 54 -11.59 -36.47 0.45
CA SER C 54 -11.10 -37.25 1.57
C SER C 54 -10.04 -36.49 2.36
N GLN C 55 -9.16 -35.76 1.67
CA GLN C 55 -8.14 -34.97 2.36
C GLN C 55 -8.77 -33.83 3.15
N LEU C 56 -9.81 -33.20 2.60
CA LEU C 56 -10.48 -32.12 3.30
C LEU C 56 -11.23 -32.63 4.51
N GLU C 57 -11.86 -33.80 4.40
CA GLU C 57 -12.57 -34.37 5.54
C GLU C 57 -11.61 -34.83 6.63
N GLN C 58 -10.40 -35.25 6.26
CA GLN C 58 -9.39 -35.59 7.25
C GLN C 58 -8.81 -34.35 7.91
N HIS C 59 -8.66 -33.25 7.16
CA HIS C 59 -8.16 -32.01 7.72
C HIS C 59 -9.11 -31.49 8.80
N TYR C 60 -10.41 -31.62 8.56
CA TYR C 60 -11.46 -31.19 9.50
C TYR C 60 -12.10 -32.38 10.19
N ALA C 61 -11.32 -33.43 10.47
CA ALA C 61 -11.88 -34.65 11.07
C ALA C 61 -12.49 -34.36 12.43
N ASP C 62 -11.84 -33.55 13.25
CA ASP C 62 -12.32 -33.24 14.58
C ASP C 62 -13.61 -32.41 14.57
N LEU C 63 -14.12 -32.07 13.40
CA LEU C 63 -15.36 -31.30 13.26
C LEU C 63 -16.43 -32.07 12.50
N SER C 64 -16.26 -33.39 12.32
CA SER C 64 -17.20 -34.16 11.52
C SER C 64 -18.59 -34.23 12.15
N ASP C 65 -18.71 -33.96 13.44
CA ASP C 65 -20.00 -34.00 14.13
C ASP C 65 -20.59 -32.62 14.36
N LYS C 66 -19.90 -31.56 13.97
CA LYS C 66 -20.49 -30.23 14.00
C LYS C 66 -21.49 -30.09 12.85
N PRO C 67 -22.54 -29.28 13.03
CA PRO C 67 -23.56 -29.18 11.97
C PRO C 67 -23.08 -28.47 10.71
N PHE C 68 -22.05 -27.63 10.80
CA PHE C 68 -21.54 -26.91 9.63
C PHE C 68 -20.50 -27.70 8.85
N PHE C 69 -20.37 -29.01 9.11
CA PHE C 69 -19.29 -29.79 8.52
C PHE C 69 -19.48 -29.99 7.02
N LYS C 70 -20.65 -30.48 6.63
CA LYS C 70 -20.89 -30.78 5.22
C LYS C 70 -20.75 -29.54 4.35
N GLY C 71 -21.28 -28.41 4.81
CA GLY C 71 -21.15 -27.18 4.04
C GLY C 71 -19.74 -26.66 3.98
N LEU C 72 -18.98 -26.86 5.06
CA LEU C 72 -17.58 -26.46 5.07
C LEU C 72 -16.78 -27.24 4.04
N VAL C 73 -16.96 -28.55 3.98
CA VAL C 73 -16.19 -29.39 3.07
C VAL C 73 -16.52 -29.05 1.62
N SER C 74 -17.82 -28.91 1.31
CA SER C 74 -18.20 -28.63 -0.07
C SER C 74 -17.73 -27.24 -0.52
N TYR C 75 -17.71 -26.28 0.40
CA TYR C 75 -17.18 -24.96 0.06
C TYR C 75 -15.66 -24.99 -0.08
N MET C 76 -14.98 -25.81 0.71
CA MET C 76 -13.53 -25.96 0.54
C MET C 76 -13.18 -26.71 -0.74
N LEU C 77 -14.14 -27.36 -1.38
CA LEU C 77 -13.96 -27.99 -2.68
C LEU C 77 -14.28 -27.06 -3.85
N SER C 78 -14.96 -25.93 -3.59
CA SER C 78 -15.54 -25.12 -4.65
C SER C 78 -14.53 -24.27 -5.40
N GLY C 79 -13.24 -24.35 -5.07
CA GLY C 79 -12.23 -23.58 -5.76
C GLY C 79 -10.83 -23.94 -5.33
N PRO C 80 -9.84 -23.30 -5.95
CA PRO C 80 -8.44 -23.61 -5.61
C PRO C 80 -8.10 -23.14 -4.21
N ILE C 81 -7.12 -23.81 -3.63
CA ILE C 81 -6.59 -23.48 -2.31
C ILE C 81 -5.09 -23.25 -2.44
N CYS C 82 -4.60 -22.21 -1.79
CA CYS C 82 -3.16 -21.94 -1.73
C CYS C 82 -2.67 -22.43 -0.37
N ALA C 83 -1.99 -23.57 -0.37
CA ALA C 83 -1.49 -24.19 0.84
C ALA C 83 -0.04 -23.80 1.08
N MET C 84 0.28 -23.46 2.32
CA MET C 84 1.58 -22.91 2.64
C MET C 84 2.10 -23.47 3.95
N VAL C 85 3.42 -23.53 4.07
CA VAL C 85 4.10 -23.81 5.33
C VAL C 85 5.00 -22.63 5.63
N TRP C 86 4.81 -22.03 6.81
CA TRP C 86 5.62 -20.90 7.25
C TRP C 86 6.44 -21.29 8.47
N GLU C 87 7.65 -20.75 8.55
CA GLU C 87 8.61 -21.13 9.58
C GLU C 87 9.08 -19.90 10.33
N GLY C 88 9.06 -19.98 11.65
CA GLY C 88 9.53 -18.88 12.47
C GLY C 88 9.20 -19.15 13.91
N ARG C 89 9.83 -18.36 14.77
CA ARG C 89 9.60 -18.51 16.21
C ARG C 89 8.14 -18.22 16.53
N ASP C 90 7.48 -19.21 17.16
N ASP C 90 7.49 -19.21 17.16
CA ASP C 90 6.08 -19.08 17.57
CA ASP C 90 6.08 -19.12 17.55
C ASP C 90 5.16 -18.78 16.38
C ASP C 90 5.20 -18.74 16.37
N VAL C 91 5.50 -19.29 15.20
CA VAL C 91 4.72 -18.98 14.01
C VAL C 91 3.31 -19.54 14.10
N VAL C 92 3.11 -20.62 14.86
CA VAL C 92 1.77 -21.18 15.01
C VAL C 92 0.84 -20.19 15.71
N LYS C 93 1.26 -19.70 16.88
CA LYS C 93 0.41 -18.79 17.64
C LYS C 93 0.34 -17.41 16.99
N THR C 94 1.51 -16.86 16.60
CA THR C 94 1.51 -15.57 15.94
C THR C 94 0.79 -15.63 14.60
N GLY C 95 0.86 -16.76 13.91
CA GLY C 95 0.08 -16.92 12.70
C GLY C 95 -1.40 -16.78 12.94
N ARG C 96 -1.92 -17.44 13.99
CA ARG C 96 -3.33 -17.31 14.33
C ARG C 96 -3.70 -15.86 14.61
N THR C 97 -2.85 -15.14 15.34
CA THR C 97 -3.12 -13.74 15.66
C THR C 97 -3.14 -12.88 14.41
N ILE C 98 -2.27 -13.18 13.45
CA ILE C 98 -2.25 -12.43 12.20
C ILE C 98 -3.53 -12.68 11.40
N LEU C 99 -3.99 -13.93 11.36
CA LEU C 99 -5.23 -14.24 10.65
C LEU C 99 -6.43 -13.54 11.27
N GLY C 100 -6.43 -13.34 12.58
CA GLY C 100 -7.57 -12.80 13.28
C GLY C 100 -8.47 -13.89 13.83
N ALA C 101 -9.49 -13.44 14.58
CA ALA C 101 -10.44 -14.37 15.18
C ALA C 101 -11.14 -15.21 14.11
N THR C 102 -11.45 -16.47 14.47
CA THR C 102 -12.09 -17.38 13.53
C THR C 102 -13.34 -16.76 12.92
N ASN C 103 -14.18 -16.15 13.75
CA ASN C 103 -15.32 -15.40 13.25
C ASN C 103 -14.87 -13.98 12.93
N PRO C 104 -14.92 -13.55 11.66
CA PRO C 104 -14.44 -12.20 11.32
C PRO C 104 -15.18 -11.09 12.04
N LEU C 105 -16.42 -11.33 12.49
CA LEU C 105 -17.14 -10.29 13.23
C LEU C 105 -16.50 -10.00 14.58
N ALA C 106 -15.68 -10.91 15.09
CA ALA C 106 -14.94 -10.71 16.33
C ALA C 106 -13.47 -10.37 16.07
N SER C 107 -13.05 -10.26 14.82
CA SER C 107 -11.65 -9.99 14.51
C SER C 107 -11.34 -8.50 14.61
N ALA C 108 -10.09 -8.20 14.92
CA ALA C 108 -9.68 -6.80 15.02
C ALA C 108 -9.15 -6.30 13.68
N PRO C 109 -9.53 -5.10 13.27
CA PRO C 109 -8.92 -4.50 12.07
C PRO C 109 -7.41 -4.47 12.19
N GLY C 110 -6.74 -4.78 11.08
CA GLY C 110 -5.30 -4.97 11.06
C GLY C 110 -4.89 -6.42 10.93
N THR C 111 -5.77 -7.35 11.29
CA THR C 111 -5.57 -8.76 10.97
C THR C 111 -6.16 -9.04 9.59
N ILE C 112 -5.90 -10.25 9.09
CA ILE C 112 -6.36 -10.62 7.75
C ILE C 112 -7.88 -10.64 7.70
N ARG C 113 -8.51 -11.35 8.65
CA ARG C 113 -9.97 -11.41 8.66
C ARG C 113 -10.57 -10.07 9.06
N GLY C 114 -9.86 -9.28 9.87
CA GLY C 114 -10.33 -7.96 10.22
C GLY C 114 -10.28 -6.97 9.07
N ASP C 115 -9.48 -7.27 8.04
CA ASP C 115 -9.39 -6.39 6.87
C ASP C 115 -10.20 -6.88 5.68
N PHE C 116 -10.49 -8.18 5.57
CA PHE C 116 -11.03 -8.73 4.33
C PHE C 116 -12.26 -9.62 4.45
N ALA C 117 -12.68 -10.02 5.65
CA ALA C 117 -13.71 -11.05 5.77
C ALA C 117 -14.84 -10.59 6.69
N ILE C 118 -15.96 -11.32 6.61
CA ILE C 118 -17.19 -10.98 7.33
C ILE C 118 -17.80 -12.24 7.96
N ASP C 119 -18.09 -13.24 7.13
CA ASP C 119 -18.75 -14.46 7.59
C ASP C 119 -17.74 -15.52 7.98
N VAL C 120 -18.04 -16.26 9.05
CA VAL C 120 -17.14 -17.32 9.51
C VAL C 120 -17.02 -18.43 8.47
N GLY C 121 -18.09 -18.70 7.72
CA GLY C 121 -18.03 -19.66 6.63
C GLY C 121 -17.29 -19.17 5.41
N ARG C 122 -16.91 -17.89 5.38
CA ARG C 122 -16.10 -17.29 4.33
C ARG C 122 -14.98 -16.47 4.97
N ASN C 123 -14.21 -17.10 5.85
CA ASN C 123 -13.18 -16.40 6.59
C ASN C 123 -11.80 -16.50 5.94
N VAL C 124 -11.77 -16.79 4.63
CA VAL C 124 -10.65 -16.48 3.74
C VAL C 124 -9.45 -17.39 3.93
N CYS C 125 -9.10 -17.73 5.16
CA CYS C 125 -7.84 -18.42 5.42
C CYS C 125 -7.99 -19.44 6.55
N HIS C 126 -6.93 -20.24 6.71
CA HIS C 126 -6.84 -21.24 7.77
C HIS C 126 -5.45 -21.20 8.37
N GLY C 127 -5.38 -21.41 9.69
CA GLY C 127 -4.11 -21.57 10.37
C GLY C 127 -4.14 -22.66 11.42
N SER C 128 -3.08 -23.46 11.50
CA SER C 128 -2.98 -24.49 12.53
C SER C 128 -3.14 -23.87 13.92
N ASP C 129 -3.89 -24.56 14.77
CA ASP C 129 -4.16 -24.04 16.11
C ASP C 129 -3.15 -24.49 17.16
N SER C 130 -2.28 -25.45 16.83
CA SER C 130 -1.28 -25.91 17.79
C SER C 130 -0.07 -26.43 17.04
N VAL C 131 1.05 -26.51 17.77
CA VAL C 131 2.27 -27.09 17.20
C VAL C 131 2.03 -28.52 16.76
N GLU C 132 1.34 -29.31 17.61
CA GLU C 132 1.09 -30.71 17.28
C GLU C 132 0.14 -30.83 16.08
N ASN C 133 -0.86 -29.97 16.00
CA ASN C 133 -1.77 -30.02 14.86
C ASN C 133 -1.12 -29.51 13.59
N ALA C 134 -0.17 -28.59 13.71
CA ALA C 134 0.56 -28.12 12.53
C ALA C 134 1.33 -29.25 11.88
N LYS C 135 2.02 -30.06 12.69
CA LYS C 135 2.80 -31.17 12.14
C LYS C 135 1.92 -32.16 11.42
N LYS C 136 0.76 -32.48 11.99
CA LYS C 136 -0.16 -33.39 11.32
C LYS C 136 -0.74 -32.77 10.04
N GLU C 137 -1.04 -31.48 10.07
CA GLU C 137 -1.58 -30.82 8.89
C GLU C 137 -0.51 -30.67 7.80
N ILE C 138 0.73 -30.37 8.20
CA ILE C 138 1.81 -30.25 7.22
C ILE C 138 2.03 -31.58 6.51
N ALA C 139 2.10 -32.67 7.27
CA ALA C 139 2.27 -33.98 6.66
C ALA C 139 1.08 -34.38 5.81
N LEU C 140 -0.13 -33.92 6.18
CA LEU C 140 -1.32 -34.27 5.42
C LEU C 140 -1.36 -33.57 4.07
N TRP C 141 -0.90 -32.32 4.01
CA TRP C 141 -1.03 -31.50 2.81
C TRP C 141 0.21 -31.49 1.93
N PHE C 142 1.38 -31.81 2.48
CA PHE C 142 2.63 -31.75 1.72
C PHE C 142 3.40 -33.05 1.85
N LYS C 143 4.04 -33.46 0.77
CA LYS C 143 5.08 -34.47 0.88
C LYS C 143 6.35 -33.84 1.45
N PRO C 144 7.19 -34.62 2.14
CA PRO C 144 8.37 -34.03 2.78
C PRO C 144 9.30 -33.30 1.80
N GLU C 145 9.37 -33.76 0.55
CA GLU C 145 10.25 -33.14 -0.44
C GLU C 145 9.73 -31.81 -0.96
N GLU C 146 8.48 -31.45 -0.64
CA GLU C 146 7.95 -30.16 -1.04
C GLU C 146 8.35 -29.04 -0.09
N LEU C 147 8.97 -29.37 1.03
CA LEU C 147 9.46 -28.38 1.98
C LEU C 147 10.90 -28.02 1.61
N ILE C 148 11.12 -26.75 1.28
CA ILE C 148 12.40 -26.28 0.77
C ILE C 148 13.21 -25.72 1.93
N SER C 149 14.42 -26.25 2.13
N SER C 149 14.42 -26.24 2.13
CA SER C 149 15.31 -25.79 3.18
CA SER C 149 15.30 -25.79 3.20
C SER C 149 16.19 -24.67 2.66
C SER C 149 16.19 -24.68 2.68
N TRP C 150 16.07 -23.49 3.26
CA TRP C 150 16.90 -22.35 2.88
C TRP C 150 17.08 -21.44 4.08
N LYS C 151 17.97 -20.46 3.93
CA LYS C 151 18.38 -19.57 5.02
C LYS C 151 18.20 -18.13 4.56
N SER C 152 17.33 -17.40 5.26
CA SER C 152 17.03 -16.03 4.87
C SER C 152 18.23 -15.12 5.09
N ALA C 153 18.48 -14.24 4.11
CA ALA C 153 19.60 -13.32 4.21
C ALA C 153 19.51 -12.39 5.42
N THR C 154 18.29 -12.14 5.91
CA THR C 154 18.08 -11.26 7.06
C THR C 154 17.71 -12.02 8.33
N PHE C 155 18.05 -13.32 8.39
CA PHE C 155 17.74 -14.13 9.56
C PHE C 155 18.33 -13.53 10.83
N ASP C 156 19.58 -13.08 10.77
CA ASP C 156 20.24 -12.54 11.96
C ASP C 156 19.71 -11.17 12.35
N TRP C 157 18.97 -10.50 11.46
CA TRP C 157 18.32 -9.24 11.81
C TRP C 157 16.88 -9.41 12.29
N VAL C 158 16.27 -10.55 12.00
CA VAL C 158 14.94 -10.84 12.52
C VAL C 158 15.02 -11.49 13.90
N TYR C 159 16.00 -12.37 14.12
CA TYR C 159 16.15 -13.09 15.37
C TYR C 159 17.45 -12.71 16.06
N GLU C 160 17.42 -12.70 17.39
CA GLU C 160 18.62 -12.50 18.18
C GLU C 160 19.33 -13.80 18.51
N LYS C 161 18.59 -14.92 18.55
CA LYS C 161 19.19 -16.23 18.79
C LYS C 161 18.34 -17.28 18.09
N ALA C 162 18.84 -18.51 18.08
CA ALA C 162 18.17 -19.61 17.40
C ALA C 162 16.81 -19.92 18.03
N SER D 9 -3.60 18.00 27.61
CA SER D 9 -2.56 17.56 26.68
C SER D 9 -2.38 18.58 25.55
N MET D 10 -1.20 19.16 25.45
CA MET D 10 -0.91 20.15 24.43
C MET D 10 -0.41 19.48 23.15
N SER D 11 -0.64 20.15 22.02
CA SER D 11 -0.28 19.62 20.72
C SER D 11 1.20 19.72 20.39
N ASN D 12 1.99 20.36 21.26
CA ASN D 12 3.42 20.51 21.03
C ASN D 12 4.26 19.55 21.88
N GLU D 13 3.64 18.55 22.48
CA GLU D 13 4.39 17.49 23.13
C GLU D 13 5.27 16.78 22.12
N GLN D 14 6.46 16.37 22.56
CA GLN D 14 7.44 15.75 21.69
C GLN D 14 7.84 14.38 22.23
N THR D 15 8.20 13.49 21.32
CA THR D 15 8.74 12.18 21.70
C THR D 15 9.92 11.85 20.80
N PHE D 16 10.78 10.95 21.28
CA PHE D 16 11.93 10.47 20.53
C PHE D 16 11.61 9.09 19.97
N ILE D 17 11.72 8.94 18.66
CA ILE D 17 11.51 7.66 17.99
C ILE D 17 12.78 7.31 17.24
N ALA D 18 13.24 6.07 17.40
CA ALA D 18 14.44 5.61 16.73
C ALA D 18 14.12 4.33 15.97
N ILE D 19 14.65 4.23 14.76
CA ILE D 19 14.63 2.99 14.00
C ILE D 19 15.96 2.29 14.26
N LYS D 20 15.89 1.14 14.93
CA LYS D 20 17.07 0.40 15.33
C LYS D 20 17.75 -0.20 14.10
N PRO D 21 18.99 -0.69 14.24
CA PRO D 21 19.71 -1.21 13.06
C PRO D 21 18.99 -2.31 12.30
N ASP D 22 18.25 -3.18 12.98
CA ASP D 22 17.52 -4.19 12.25
C ASP D 22 16.41 -3.59 11.41
N GLY D 23 15.81 -2.48 11.87
CA GLY D 23 14.80 -1.81 11.07
C GLY D 23 15.38 -1.17 9.83
N VAL D 24 16.59 -0.62 9.94
CA VAL D 24 17.27 -0.06 8.77
C VAL D 24 17.70 -1.16 7.82
N GLN D 25 18.25 -2.26 8.36
CA GLN D 25 18.73 -3.34 7.50
C GLN D 25 17.59 -4.02 6.73
N ARG D 26 16.42 -4.10 7.32
CA ARG D 26 15.29 -4.79 6.70
C ARG D 26 14.41 -3.87 5.86
N GLY D 27 14.87 -2.66 5.58
CA GLY D 27 14.14 -1.74 4.70
C GLY D 27 12.82 -1.24 5.24
N LEU D 28 12.80 -0.79 6.50
CA LEU D 28 11.56 -0.37 7.15
C LEU D 28 11.56 1.13 7.47
N ILE D 29 12.47 1.91 6.88
CA ILE D 29 12.53 3.34 7.20
C ILE D 29 11.28 4.04 6.70
N GLY D 30 10.95 3.88 5.42
CA GLY D 30 9.76 4.45 4.83
C GLY D 30 8.47 4.05 5.53
N PRO D 31 8.23 2.74 5.67
CA PRO D 31 6.99 2.31 6.35
C PRO D 31 6.83 2.88 7.75
N ILE D 32 7.91 2.94 8.53
CA ILE D 32 7.78 3.41 9.91
C ILE D 32 7.50 4.91 9.93
N ILE D 33 8.19 5.68 9.08
CA ILE D 33 7.92 7.11 9.00
C ILE D 33 6.48 7.36 8.59
N SER D 34 5.97 6.59 7.61
CA SER D 34 4.61 6.80 7.13
C SER D 34 3.58 6.55 8.23
N ARG D 35 3.86 5.62 9.16
CA ARG D 35 2.93 5.39 10.26
C ARG D 35 2.69 6.66 11.06
N PHE D 36 3.77 7.39 11.38
CA PHE D 36 3.63 8.63 12.13
C PHE D 36 3.19 9.79 11.25
N GLU D 37 3.62 9.80 9.99
CA GLU D 37 3.17 10.84 9.06
C GLU D 37 1.65 10.75 8.84
N ASN D 38 1.13 9.55 8.63
CA ASN D 38 -0.29 9.41 8.31
C ASN D 38 -1.18 9.67 9.52
N ARG D 39 -0.66 9.42 10.73
CA ARG D 39 -1.45 9.65 11.93
C ARG D 39 -1.68 11.13 12.20
N GLY D 40 -0.82 12.01 11.67
CA GLY D 40 -0.94 13.44 11.88
C GLY D 40 0.18 14.05 12.70
N PHE D 41 1.14 13.26 13.15
CA PHE D 41 2.23 13.81 13.93
C PHE D 41 3.22 14.53 13.03
N LYS D 42 3.98 15.44 13.62
CA LYS D 42 4.90 16.31 12.89
C LYS D 42 6.33 15.90 13.17
N LEU D 43 7.09 15.68 12.10
CA LEU D 43 8.52 15.40 12.21
C LEU D 43 9.27 16.72 12.35
N VAL D 44 9.94 16.92 13.49
CA VAL D 44 10.69 18.15 13.74
C VAL D 44 12.19 17.93 13.77
N ALA D 45 12.66 16.69 13.80
CA ALA D 45 14.09 16.42 13.74
C ALA D 45 14.30 14.97 13.28
N MET D 46 15.29 14.78 12.41
CA MET D 46 15.62 13.44 11.95
C MET D 46 17.05 13.42 11.45
N LYS D 47 17.73 12.31 11.67
CA LYS D 47 19.06 12.11 11.13
C LYS D 47 19.41 10.62 11.19
N LEU D 48 20.15 10.16 10.19
CA LEU D 48 20.75 8.83 10.23
C LEU D 48 22.11 8.95 10.89
N VAL D 49 22.31 8.22 12.00
CA VAL D 49 23.52 8.35 12.80
C VAL D 49 24.06 6.98 13.18
N SER D 50 25.37 6.94 13.41
CA SER D 50 26.06 5.81 14.02
C SER D 50 26.67 6.34 15.31
N PRO D 51 25.88 6.41 16.38
CA PRO D 51 26.31 7.14 17.58
C PRO D 51 27.40 6.39 18.32
N PRO D 52 28.22 7.10 19.09
CA PRO D 52 29.27 6.43 19.88
C PRO D 52 28.67 5.59 21.00
N GLN D 53 29.48 4.62 21.45
CA GLN D 53 29.01 3.67 22.45
C GLN D 53 28.63 4.36 23.76
N SER D 54 29.33 5.43 24.14
CA SER D 54 29.00 6.12 25.38
C SER D 54 27.59 6.68 25.34
N GLN D 55 27.17 7.22 24.18
CA GLN D 55 25.80 7.69 24.05
C GLN D 55 24.79 6.56 24.18
N LEU D 56 25.12 5.38 23.64
CA LEU D 56 24.22 4.24 23.74
C LEU D 56 24.17 3.71 25.17
N GLU D 57 25.31 3.65 25.85
CA GLU D 57 25.30 3.23 27.25
C GLU D 57 24.52 4.22 28.12
N GLN D 58 24.58 5.50 27.79
CA GLN D 58 23.81 6.49 28.55
C GLN D 58 22.32 6.39 28.22
N HIS D 59 21.99 6.12 26.95
CA HIS D 59 20.59 5.96 26.57
C HIS D 59 19.95 4.80 27.31
N TYR D 60 20.69 3.71 27.52
CA TYR D 60 20.21 2.54 28.23
C TYR D 60 20.78 2.45 29.64
N ALA D 61 21.03 3.59 30.28
CA ALA D 61 21.68 3.60 31.59
C ALA D 61 20.90 2.82 32.64
N ASP D 62 19.57 2.83 32.53
CA ASP D 62 18.75 2.08 33.49
C ASP D 62 19.03 0.59 33.44
N LEU D 63 19.58 0.08 32.33
CA LEU D 63 19.80 -1.35 32.14
C LEU D 63 21.28 -1.73 32.21
N SER D 64 22.13 -0.83 32.73
CA SER D 64 23.57 -1.06 32.70
C SER D 64 24.01 -2.25 33.56
N ASP D 65 23.15 -2.76 34.42
CA ASP D 65 23.46 -3.94 35.23
C ASP D 65 22.72 -5.18 34.75
N LYS D 66 21.79 -5.04 33.80
CA LYS D 66 21.10 -6.21 33.26
C LYS D 66 22.09 -7.11 32.54
N PRO D 67 21.82 -8.43 32.49
CA PRO D 67 22.77 -9.35 31.86
C PRO D 67 22.87 -9.18 30.35
N PHE D 68 21.83 -8.67 29.69
CA PHE D 68 21.82 -8.47 28.25
C PHE D 68 22.29 -7.08 27.85
N PHE D 69 22.80 -6.29 28.79
CA PHE D 69 23.17 -4.91 28.50
C PHE D 69 24.25 -4.84 27.42
N LYS D 70 25.32 -5.62 27.59
CA LYS D 70 26.43 -5.57 26.63
C LYS D 70 26.00 -6.06 25.26
N GLY D 71 25.18 -7.12 25.22
CA GLY D 71 24.65 -7.57 23.94
C GLY D 71 23.72 -6.55 23.30
N LEU D 72 22.94 -5.85 24.13
CA LEU D 72 22.07 -4.79 23.62
C LEU D 72 22.88 -3.66 23.01
N VAL D 73 23.91 -3.18 23.74
CA VAL D 73 24.73 -2.10 23.23
C VAL D 73 25.44 -2.51 21.95
N SER D 74 25.90 -3.77 21.89
CA SER D 74 26.62 -4.22 20.70
C SER D 74 25.71 -4.28 19.49
N TYR D 75 24.48 -4.78 19.66
CA TYR D 75 23.55 -4.82 18.54
C TYR D 75 23.13 -3.41 18.12
N MET D 76 23.03 -2.48 19.06
CA MET D 76 22.74 -1.09 18.72
C MET D 76 23.90 -0.43 18.00
N LEU D 77 25.12 -0.98 18.11
CA LEU D 77 26.27 -0.48 17.38
C LEU D 77 26.45 -1.15 16.03
N SER D 78 25.65 -2.18 15.71
CA SER D 78 25.92 -3.01 14.55
C SER D 78 25.47 -2.39 13.23
N GLY D 79 24.72 -1.28 13.26
CA GLY D 79 24.26 -0.66 12.04
C GLY D 79 23.79 0.76 12.25
N PRO D 80 23.46 1.44 11.16
CA PRO D 80 22.94 2.80 11.27
C PRO D 80 21.60 2.83 11.99
N ILE D 81 21.33 3.98 12.61
CA ILE D 81 20.09 4.21 13.34
C ILE D 81 19.45 5.49 12.81
N CYS D 82 18.15 5.43 12.54
CA CYS D 82 17.38 6.60 12.12
C CYS D 82 16.72 7.20 13.36
N ALA D 83 17.24 8.33 13.83
CA ALA D 83 16.75 8.99 15.03
C ALA D 83 15.79 10.12 14.64
N MET D 84 14.64 10.17 15.30
CA MET D 84 13.59 11.10 14.94
C MET D 84 12.97 11.72 16.20
N VAL D 85 12.52 12.96 16.06
CA VAL D 85 11.69 13.61 17.07
C VAL D 85 10.35 13.93 16.42
N TRP D 86 9.28 13.41 16.99
CA TRP D 86 7.93 13.66 16.49
C TRP D 86 7.15 14.49 17.51
N GLU D 87 6.27 15.34 17.00
CA GLU D 87 5.54 16.30 17.81
C GLU D 87 4.05 16.20 17.55
N GLY D 88 3.27 16.21 18.61
CA GLY D 88 1.82 16.11 18.50
C GLY D 88 1.22 15.87 19.86
N ARG D 89 -0.11 16.00 19.91
CA ARG D 89 -0.82 15.79 21.16
C ARG D 89 -0.70 14.33 21.59
N ASP D 90 -0.20 14.11 22.81
N ASP D 90 -0.20 14.11 22.81
CA ASP D 90 -0.04 12.77 23.37
CA ASP D 90 -0.04 12.78 23.38
C ASP D 90 0.82 11.88 22.48
C ASP D 90 0.80 11.89 22.46
N VAL D 91 1.81 12.47 21.83
CA VAL D 91 2.64 11.72 20.89
C VAL D 91 3.47 10.66 21.61
N VAL D 92 3.83 10.89 22.88
CA VAL D 92 4.60 9.90 23.61
C VAL D 92 3.78 8.63 23.81
N LYS D 93 2.58 8.76 24.37
CA LYS D 93 1.74 7.60 24.66
C LYS D 93 1.22 6.97 23.38
N THR D 94 0.66 7.78 22.47
CA THR D 94 0.18 7.26 21.20
C THR D 94 1.32 6.68 20.37
N GLY D 95 2.51 7.26 20.46
CA GLY D 95 3.66 6.72 19.76
C GLY D 95 3.98 5.30 20.19
N ARG D 96 3.94 5.04 21.50
CA ARG D 96 4.14 3.68 21.98
C ARG D 96 3.05 2.75 21.48
N THR D 97 1.82 3.26 21.35
CA THR D 97 0.74 2.44 20.80
C THR D 97 0.98 2.12 19.33
N ILE D 98 1.46 3.10 18.56
CA ILE D 98 1.77 2.86 17.16
C ILE D 98 2.88 1.82 17.02
N LEU D 99 3.86 1.85 17.92
CA LEU D 99 4.95 0.88 17.88
C LEU D 99 4.46 -0.52 18.24
N GLY D 100 3.52 -0.61 19.16
CA GLY D 100 3.09 -1.91 19.67
C GLY D 100 3.91 -2.34 20.88
N ALA D 101 3.55 -3.52 21.39
CA ALA D 101 4.17 -4.03 22.60
C ALA D 101 5.68 -4.19 22.41
N THR D 102 6.43 -3.88 23.48
CA THR D 102 7.88 -4.01 23.42
C THR D 102 8.32 -5.38 22.95
N ASN D 103 7.62 -6.42 23.40
CA ASN D 103 7.84 -7.76 22.89
C ASN D 103 6.90 -7.98 21.71
N PRO D 104 7.40 -8.13 20.49
CA PRO D 104 6.50 -8.28 19.33
C PRO D 104 5.55 -9.47 19.45
N LEU D 105 5.90 -10.47 20.26
CA LEU D 105 5.00 -11.61 20.47
C LEU D 105 3.68 -11.17 21.09
N ALA D 106 3.72 -10.13 21.94
CA ALA D 106 2.52 -9.62 22.58
C ALA D 106 1.91 -8.44 21.85
N SER D 107 2.42 -8.10 20.66
CA SER D 107 1.96 -6.94 19.92
C SER D 107 0.84 -7.31 18.95
N ALA D 108 -0.03 -6.35 18.69
CA ALA D 108 -1.17 -6.61 17.83
C ALA D 108 -0.84 -6.26 16.38
N PRO D 109 -1.33 -7.03 15.42
CA PRO D 109 -1.21 -6.63 14.01
C PRO D 109 -1.83 -5.27 13.80
N GLY D 110 -1.23 -4.50 12.90
CA GLY D 110 -1.59 -3.11 12.68
C GLY D 110 -0.66 -2.13 13.36
N THR D 111 0.07 -2.57 14.37
CA THR D 111 1.18 -1.80 14.92
C THR D 111 2.45 -2.12 14.14
N ILE D 112 3.51 -1.39 14.44
CA ILE D 112 4.78 -1.58 13.74
C ILE D 112 5.37 -2.94 14.07
N ARG D 113 5.42 -3.28 15.37
CA ARG D 113 5.99 -4.58 15.73
C ARG D 113 5.04 -5.72 15.42
N GLY D 114 3.72 -5.47 15.47
CA GLY D 114 2.76 -6.47 15.06
C GLY D 114 2.75 -6.77 13.57
N ASP D 115 3.40 -5.92 12.76
CA ASP D 115 3.46 -6.14 11.33
C ASP D 115 4.84 -6.57 10.85
N PHE D 116 5.91 -6.24 11.58
CA PHE D 116 7.27 -6.41 11.05
C PHE D 116 8.24 -7.15 11.95
N ALA D 117 7.93 -7.40 13.21
CA ALA D 117 8.94 -7.87 14.15
C ALA D 117 8.47 -9.13 14.87
N ILE D 118 9.44 -9.84 15.46
CA ILE D 118 9.16 -11.12 16.13
C ILE D 118 9.87 -11.19 17.47
N ASP D 119 11.16 -10.89 17.50
CA ASP D 119 11.98 -11.03 18.71
C ASP D 119 12.11 -9.70 19.45
N VAL D 120 12.14 -9.78 20.78
CA VAL D 120 12.24 -8.57 21.59
C VAL D 120 13.60 -7.91 21.42
N GLY D 121 14.66 -8.70 21.21
CA GLY D 121 15.96 -8.16 20.91
C GLY D 121 16.14 -7.68 19.50
N ARG D 122 15.11 -7.80 18.66
CA ARG D 122 15.11 -7.33 17.28
C ARG D 122 13.75 -6.68 16.98
N ASN D 123 13.33 -5.76 17.84
CA ASN D 123 12.01 -5.15 17.72
C ASN D 123 12.03 -3.85 16.93
N VAL D 124 13.06 -3.66 16.09
CA VAL D 124 13.14 -2.70 14.98
C VAL D 124 13.08 -1.23 15.40
N CYS D 125 12.46 -0.90 16.52
CA CYS D 125 12.26 0.52 16.82
C CYS D 125 12.28 0.77 18.32
N HIS D 126 12.38 2.05 18.66
CA HIS D 126 12.35 2.52 20.03
C HIS D 126 11.46 3.76 20.14
N GLY D 127 10.75 3.88 21.25
CA GLY D 127 10.00 5.08 21.55
C GLY D 127 10.11 5.46 23.01
N SER D 128 10.21 6.76 23.30
CA SER D 128 10.23 7.24 24.67
C SER D 128 8.98 6.76 25.41
N ASP D 129 9.17 6.34 26.66
CA ASP D 129 8.05 5.79 27.43
C ASP D 129 7.36 6.81 28.34
N SER D 130 7.89 8.02 28.45
CA SER D 130 7.23 9.06 29.23
C SER D 130 7.66 10.42 28.71
N VAL D 131 6.90 11.45 29.11
CA VAL D 131 7.20 12.81 28.69
C VAL D 131 8.60 13.21 29.11
N GLU D 132 8.94 12.99 30.39
CA GLU D 132 10.23 13.44 30.90
C GLU D 132 11.38 12.63 30.30
N ASN D 133 11.15 11.33 30.07
CA ASN D 133 12.17 10.54 29.38
C ASN D 133 12.36 11.01 27.94
N ALA D 134 11.28 11.44 27.28
CA ALA D 134 11.41 11.99 25.94
C ALA D 134 12.31 13.22 25.93
N LYS D 135 12.09 14.15 26.86
CA LYS D 135 12.96 15.32 26.95
C LYS D 135 14.41 14.92 27.20
N LYS D 136 14.62 13.91 28.05
CA LYS D 136 15.97 13.44 28.31
C LYS D 136 16.59 12.80 27.08
N GLU D 137 15.82 11.96 26.38
CA GLU D 137 16.35 11.29 25.19
C GLU D 137 16.54 12.25 24.03
N ILE D 138 15.64 13.23 23.89
CA ILE D 138 15.82 14.23 22.83
C ILE D 138 17.10 15.02 23.04
N ALA D 139 17.34 15.46 24.28
CA ALA D 139 18.56 16.19 24.59
C ALA D 139 19.80 15.34 24.37
N LEU D 140 19.70 14.02 24.60
CA LEU D 140 20.85 13.15 24.43
C LEU D 140 21.20 12.94 22.97
N TRP D 141 20.19 12.74 22.11
CA TRP D 141 20.43 12.37 20.73
C TRP D 141 20.54 13.55 19.79
N PHE D 142 19.98 14.70 20.13
CA PHE D 142 19.90 15.83 19.21
C PHE D 142 20.47 17.09 19.84
N LYS D 143 21.24 17.82 19.05
CA LYS D 143 21.56 19.19 19.40
C LYS D 143 20.30 20.05 19.27
N PRO D 144 20.15 21.09 20.09
CA PRO D 144 18.91 21.87 20.07
C PRO D 144 18.61 22.51 18.73
N GLU D 145 19.64 22.83 17.93
CA GLU D 145 19.41 23.42 16.62
C GLU D 145 19.08 22.38 15.55
N GLU D 146 19.05 21.10 15.90
CA GLU D 146 18.62 20.06 14.97
C GLU D 146 17.10 19.86 14.98
N LEU D 147 16.40 20.45 15.94
CA LEU D 147 14.94 20.46 15.94
C LEU D 147 14.46 21.65 15.13
N ILE D 148 13.66 21.40 14.10
CA ILE D 148 13.26 22.41 13.14
C ILE D 148 11.86 22.91 13.47
N SER D 149 11.71 24.21 13.57
CA SER D 149 10.42 24.82 13.90
C SER D 149 9.66 25.10 12.61
N TRP D 150 8.45 24.54 12.50
CA TRP D 150 7.61 24.78 11.33
C TRP D 150 6.17 24.43 11.68
N LYS D 151 5.25 24.87 10.83
CA LYS D 151 3.83 24.68 11.05
C LYS D 151 3.24 23.89 9.88
N SER D 152 2.63 22.75 10.20
CA SER D 152 2.03 21.92 9.17
C SER D 152 0.85 22.62 8.53
N ALA D 153 0.74 22.49 7.20
CA ALA D 153 -0.35 23.14 6.47
C ALA D 153 -1.72 22.63 6.88
N THR D 154 -1.81 21.43 7.44
CA THR D 154 -3.08 20.84 7.84
C THR D 154 -3.25 20.80 9.36
N PHE D 155 -2.56 21.69 10.07
CA PHE D 155 -2.62 21.71 11.53
C PHE D 155 -4.06 21.85 12.02
N ASP D 156 -4.79 22.82 11.46
CA ASP D 156 -6.17 23.08 11.89
C ASP D 156 -7.14 22.01 11.44
N TRP D 157 -6.69 21.05 10.64
CA TRP D 157 -7.51 19.90 10.29
C TRP D 157 -7.18 18.67 11.10
N VAL D 158 -5.99 18.61 11.69
CA VAL D 158 -5.63 17.54 12.63
C VAL D 158 -6.11 17.86 14.03
N TYR D 159 -6.06 19.14 14.42
CA TYR D 159 -6.32 19.55 15.80
C TYR D 159 -7.51 20.49 15.88
N GLU D 160 -8.34 20.28 16.90
CA GLU D 160 -9.45 21.16 17.22
C GLU D 160 -9.07 22.27 18.19
N LYS D 161 -7.91 22.14 18.83
CA LYS D 161 -7.45 23.12 19.82
C LYS D 161 -5.92 23.18 19.76
N ALA D 162 -5.34 23.96 20.66
CA ALA D 162 -3.89 24.15 20.70
C ALA D 162 -3.17 22.87 21.11
N SER E 9 30.66 1.44 -13.79
CA SER E 9 29.57 1.77 -12.88
C SER E 9 29.53 0.80 -11.71
N MET E 10 30.11 1.20 -10.58
CA MET E 10 30.21 0.35 -9.41
C MET E 10 29.03 0.56 -8.47
N SER E 11 28.95 -0.30 -7.45
CA SER E 11 27.82 -0.29 -6.54
C SER E 11 27.92 0.78 -5.45
N ASN E 12 28.99 1.57 -5.43
CA ASN E 12 29.16 2.58 -4.40
C ASN E 12 28.97 4.00 -4.94
N GLU E 13 28.38 4.14 -6.13
CA GLU E 13 28.01 5.45 -6.62
C GLU E 13 27.00 6.09 -5.67
N GLN E 14 27.08 7.41 -5.54
CA GLN E 14 26.25 8.14 -4.59
C GLN E 14 25.59 9.31 -5.30
N THR E 15 24.38 9.65 -4.84
CA THR E 15 23.66 10.81 -5.34
C THR E 15 22.99 11.52 -4.18
N PHE E 16 22.70 12.80 -4.38
CA PHE E 16 22.04 13.62 -3.38
C PHE E 16 20.56 13.72 -3.74
N ILE E 17 19.70 13.27 -2.83
CA ILE E 17 18.26 13.35 -2.99
C ILE E 17 17.70 14.20 -1.86
N ALA E 18 16.85 15.15 -2.19
CA ALA E 18 16.23 16.02 -1.20
C ALA E 18 14.73 16.01 -1.38
N ILE E 19 14.01 16.01 -0.27
CA ILE E 19 12.56 16.18 -0.27
C ILE E 19 12.29 17.66 0.01
N LYS E 20 11.79 18.37 -1.01
CA LYS E 20 11.59 19.80 -0.94
C LYS E 20 10.47 20.12 0.06
N PRO E 21 10.33 21.39 0.46
CA PRO E 21 9.34 21.73 1.50
C PRO E 21 7.92 21.32 1.18
N ASP E 22 7.52 21.32 -0.10
CA ASP E 22 6.17 20.87 -0.42
C ASP E 22 6.02 19.38 -0.16
N GLY E 23 7.05 18.59 -0.46
CA GLY E 23 7.00 17.17 -0.16
C GLY E 23 6.89 16.90 1.32
N VAL E 24 7.59 17.68 2.15
CA VAL E 24 7.49 17.54 3.59
C VAL E 24 6.10 17.94 4.07
N GLN E 25 5.59 19.06 3.57
CA GLN E 25 4.30 19.58 4.03
C GLN E 25 3.16 18.64 3.65
N ARG E 26 3.24 17.99 2.50
CA ARG E 26 2.18 17.13 2.01
C ARG E 26 2.32 15.69 2.50
N GLY E 27 3.22 15.43 3.44
CA GLY E 27 3.33 14.11 4.04
C GLY E 27 3.86 13.03 3.12
N LEU E 28 4.89 13.34 2.34
CA LEU E 28 5.43 12.40 1.36
C LEU E 28 6.80 11.84 1.74
N ILE E 29 7.25 12.06 2.98
CA ILE E 29 8.61 11.65 3.35
C ILE E 29 8.73 10.13 3.32
N GLY E 30 7.84 9.43 4.02
CA GLY E 30 7.82 7.98 4.03
C GLY E 30 7.72 7.33 2.66
N PRO E 31 6.72 7.72 1.86
CA PRO E 31 6.58 7.10 0.53
C PRO E 31 7.76 7.38 -0.41
N ILE E 32 8.37 8.56 -0.32
CA ILE E 32 9.53 8.83 -1.16
C ILE E 32 10.71 7.98 -0.73
N ILE E 33 10.95 7.87 0.58
CA ILE E 33 12.04 7.02 1.07
C ILE E 33 11.80 5.57 0.69
N SER E 34 10.54 5.11 0.76
CA SER E 34 10.25 3.73 0.41
C SER E 34 10.52 3.46 -1.06
N ARG E 35 10.35 4.48 -1.91
CA ARG E 35 10.60 4.29 -3.33
C ARG E 35 12.06 3.92 -3.58
N PHE E 36 12.99 4.60 -2.92
CA PHE E 36 14.40 4.27 -3.07
C PHE E 36 14.76 3.01 -2.29
N GLU E 37 14.14 2.83 -1.11
CA GLU E 37 14.39 1.63 -0.31
C GLU E 37 13.98 0.37 -1.07
N ASN E 38 12.77 0.37 -1.63
CA ASN E 38 12.28 -0.83 -2.33
C ASN E 38 13.12 -1.14 -3.56
N ARG E 39 13.71 -0.12 -4.19
CA ARG E 39 14.51 -0.34 -5.38
C ARG E 39 15.80 -1.09 -5.09
N GLY E 40 16.28 -1.07 -3.84
CA GLY E 40 17.53 -1.70 -3.48
C GLY E 40 18.65 -0.73 -3.18
N PHE E 41 18.39 0.58 -3.23
CA PHE E 41 19.41 1.56 -2.93
C PHE E 41 19.60 1.68 -1.42
N LYS E 42 20.77 2.17 -1.03
CA LYS E 42 21.19 2.21 0.37
C LYS E 42 21.31 3.64 0.85
N LEU E 43 20.61 3.95 1.94
CA LEU E 43 20.66 5.28 2.54
C LEU E 43 21.88 5.37 3.45
N VAL E 44 22.84 6.24 3.12
CA VAL E 44 24.03 6.42 3.93
C VAL E 44 24.04 7.73 4.71
N ALA E 45 23.14 8.66 4.40
CA ALA E 45 23.07 9.91 5.13
C ALA E 45 21.67 10.50 4.98
N MET E 46 21.18 11.13 6.05
CA MET E 46 19.88 11.77 6.01
C MET E 46 19.76 12.70 7.19
N LYS E 47 19.14 13.87 6.96
CA LYS E 47 18.82 14.79 8.05
C LYS E 47 17.73 15.75 7.58
N LEU E 48 16.82 16.07 8.50
CA LEU E 48 15.86 17.15 8.29
C LEU E 48 16.56 18.47 8.60
N VAL E 49 16.57 19.38 7.63
CA VAL E 49 17.29 20.64 7.76
C VAL E 49 16.45 21.78 7.21
N SER E 50 16.70 22.98 7.74
CA SER E 50 16.19 24.24 7.21
C SER E 50 17.42 25.09 6.91
N PRO E 51 18.08 24.84 5.78
CA PRO E 51 19.38 25.46 5.53
C PRO E 51 19.24 26.93 5.22
N PRO E 52 20.29 27.72 5.43
CA PRO E 52 20.22 29.16 5.16
C PRO E 52 20.17 29.46 3.68
N GLN E 53 19.76 30.69 3.37
CA GLN E 53 19.58 31.11 1.97
C GLN E 53 20.88 30.98 1.19
N SER E 54 22.02 31.24 1.83
CA SER E 54 23.29 31.16 1.12
C SER E 54 23.56 29.75 0.59
N GLN E 55 23.31 28.73 1.42
CA GLN E 55 23.51 27.35 0.97
C GLN E 55 22.59 27.00 -0.20
N LEU E 56 21.33 27.47 -0.15
CA LEU E 56 20.39 27.14 -1.21
C LEU E 56 20.77 27.82 -2.51
N GLU E 57 21.27 29.06 -2.45
CA GLU E 57 21.70 29.74 -3.66
C GLU E 57 22.97 29.11 -4.23
N GLN E 58 23.85 28.60 -3.36
CA GLN E 58 25.00 27.85 -3.86
C GLN E 58 24.55 26.55 -4.52
N HIS E 59 23.54 25.89 -3.96
CA HIS E 59 23.03 24.66 -4.54
C HIS E 59 22.50 24.90 -5.95
N TYR E 60 21.81 26.02 -6.16
CA TYR E 60 21.22 26.36 -7.45
C TYR E 60 22.01 27.46 -8.17
N ALA E 61 23.33 27.49 -7.97
CA ALA E 61 24.13 28.61 -8.49
C ALA E 61 24.10 28.65 -10.01
N ASP E 62 24.08 27.48 -10.67
CA ASP E 62 24.05 27.47 -12.13
C ASP E 62 22.73 27.98 -12.70
N LEU E 63 21.70 28.14 -11.88
CA LEU E 63 20.44 28.74 -12.30
C LEU E 63 20.26 30.16 -11.75
N SER E 64 21.34 30.79 -11.28
CA SER E 64 21.22 32.09 -10.61
C SER E 64 20.74 33.19 -11.54
N ASP E 65 20.76 32.98 -12.86
N ASP E 65 20.78 32.97 -12.85
CA ASP E 65 20.32 33.99 -13.80
CA ASP E 65 20.36 33.95 -13.85
C ASP E 65 18.93 33.72 -14.37
C ASP E 65 18.93 33.72 -14.34
N LYS E 66 18.40 32.51 -14.19
CA LYS E 66 17.06 32.21 -14.67
C LYS E 66 16.02 33.02 -13.90
N PRO E 67 14.87 33.31 -14.52
CA PRO E 67 13.89 34.19 -13.86
C PRO E 67 13.18 33.56 -12.69
N PHE E 68 13.09 32.23 -12.62
CA PHE E 68 12.43 31.57 -11.50
C PHE E 68 13.35 31.41 -10.29
N PHE E 69 14.58 31.91 -10.36
CA PHE E 69 15.57 31.62 -9.33
C PHE E 69 15.18 32.21 -7.97
N LYS E 70 14.78 33.48 -7.95
CA LYS E 70 14.45 34.11 -6.68
C LYS E 70 13.23 33.45 -6.03
N GLY E 71 12.23 33.09 -6.84
CA GLY E 71 11.07 32.42 -6.29
C GLY E 71 11.38 31.00 -5.85
N LEU E 72 12.24 30.30 -6.60
CA LEU E 72 12.63 28.95 -6.22
C LEU E 72 13.39 28.96 -4.90
N VAL E 73 14.32 29.91 -4.73
CA VAL E 73 15.07 30.00 -3.48
C VAL E 73 14.13 30.33 -2.32
N SER E 74 13.20 31.25 -2.54
CA SER E 74 12.26 31.61 -1.48
C SER E 74 11.37 30.44 -1.09
N TYR E 75 10.97 29.63 -2.08
CA TYR E 75 10.15 28.45 -1.79
C TYR E 75 10.97 27.36 -1.11
N MET E 76 12.24 27.18 -1.51
CA MET E 76 13.10 26.22 -0.85
C MET E 76 13.39 26.59 0.61
N LEU E 77 13.17 27.84 0.99
CA LEU E 77 13.33 28.31 2.36
C LEU E 77 12.06 28.21 3.19
N SER E 78 10.91 27.94 2.57
CA SER E 78 9.62 28.08 3.23
C SER E 78 9.27 26.91 4.14
N GLY E 79 10.13 25.91 4.26
CA GLY E 79 9.86 24.78 5.12
C GLY E 79 11.06 23.86 5.26
N PRO E 80 10.92 22.82 6.09
CA PRO E 80 12.02 21.88 6.26
C PRO E 80 12.30 21.10 4.99
N ILE E 81 13.54 20.63 4.87
CA ILE E 81 13.98 19.80 3.76
C ILE E 81 14.56 18.52 4.32
N CYS E 82 14.18 17.38 3.75
CA CYS E 82 14.79 16.10 4.12
C CYS E 82 15.89 15.81 3.11
N ALA E 83 17.15 16.02 3.53
CA ALA E 83 18.30 15.83 2.67
C ALA E 83 18.86 14.43 2.85
N MET E 84 19.22 13.79 1.74
CA MET E 84 19.58 12.37 1.76
C MET E 84 20.73 12.09 0.81
N VAL E 85 21.51 11.08 1.15
CA VAL E 85 22.52 10.50 0.27
C VAL E 85 22.18 9.03 0.09
N TRP E 86 21.90 8.64 -1.14
CA TRP E 86 21.61 7.25 -1.48
C TRP E 86 22.75 6.66 -2.28
N GLU E 87 23.09 5.41 -1.98
CA GLU E 87 24.23 4.74 -2.59
C GLU E 87 23.79 3.49 -3.32
N GLY E 88 24.35 3.28 -4.51
CA GLY E 88 24.01 2.12 -5.30
C GLY E 88 24.51 2.31 -6.72
N ARG E 89 24.43 1.22 -7.49
CA ARG E 89 24.90 1.27 -8.87
C ARG E 89 23.96 2.13 -9.71
N ASP E 90 24.55 3.06 -10.47
CA ASP E 90 23.81 3.96 -11.34
C ASP E 90 22.74 4.75 -10.58
N VAL E 91 22.99 4.99 -9.29
CA VAL E 91 21.99 5.64 -8.45
C VAL E 91 21.72 7.06 -8.89
N VAL E 92 22.66 7.71 -9.59
CA VAL E 92 22.42 9.07 -10.06
C VAL E 92 21.38 9.06 -11.18
N LYS E 93 21.62 8.28 -12.23
CA LYS E 93 20.71 8.25 -13.37
C LYS E 93 19.38 7.57 -13.01
N THR E 94 19.45 6.41 -12.34
CA THR E 94 18.23 5.72 -11.96
C THR E 94 17.44 6.53 -10.94
N GLY E 95 18.13 7.21 -10.02
CA GLY E 95 17.44 8.10 -9.10
C GLY E 95 16.63 9.16 -9.82
N ARG E 96 17.21 9.77 -10.86
CA ARG E 96 16.46 10.75 -11.66
C ARG E 96 15.25 10.09 -12.31
N THR E 97 15.41 8.89 -12.84
CA THR E 97 14.30 8.16 -13.43
C THR E 97 13.18 7.93 -12.41
N ILE E 98 13.55 7.62 -11.16
CA ILE E 98 12.55 7.36 -10.13
C ILE E 98 11.81 8.64 -9.77
N LEU E 99 12.50 9.78 -9.75
CA LEU E 99 11.82 11.04 -9.44
C LEU E 99 10.84 11.43 -10.53
N GLY E 100 11.13 11.10 -11.79
CA GLY E 100 10.33 11.54 -12.90
C GLY E 100 10.83 12.86 -13.49
N ALA E 101 10.27 13.22 -14.64
CA ALA E 101 10.68 14.43 -15.35
C ALA E 101 10.58 15.65 -14.44
N THR E 102 11.51 16.59 -14.63
CA THR E 102 11.57 17.78 -13.79
C THR E 102 10.22 18.48 -13.72
N ASN E 103 9.56 18.61 -14.87
CA ASN E 103 8.19 19.11 -14.90
C ASN E 103 7.24 17.95 -14.70
N PRO E 104 6.44 17.92 -13.63
CA PRO E 104 5.52 16.80 -13.41
C PRO E 104 4.56 16.56 -14.56
N LEU E 105 4.26 17.58 -15.37
CA LEU E 105 3.34 17.39 -16.49
C LEU E 105 3.89 16.40 -17.51
N ALA E 106 5.20 16.33 -17.67
CA ALA E 106 5.85 15.38 -18.56
C ALA E 106 6.30 14.12 -17.84
N SER E 107 5.89 13.93 -16.59
CA SER E 107 6.28 12.75 -15.83
C SER E 107 5.28 11.63 -16.07
N ALA E 108 5.77 10.40 -15.91
CA ALA E 108 4.95 9.21 -16.12
C ALA E 108 4.43 8.70 -14.79
N PRO E 109 3.16 8.30 -14.73
CA PRO E 109 2.66 7.61 -13.54
C PRO E 109 3.56 6.45 -13.19
N GLY E 110 3.82 6.28 -11.88
CA GLY E 110 4.76 5.30 -11.38
C GLY E 110 6.04 5.93 -10.85
N THR E 111 6.39 7.12 -11.33
CA THR E 111 7.50 7.87 -10.77
C THR E 111 6.99 8.73 -9.62
N ILE E 112 7.93 9.31 -8.88
CA ILE E 112 7.57 10.17 -7.75
C ILE E 112 6.66 11.30 -8.20
N ARG E 113 7.13 12.08 -9.18
CA ARG E 113 6.35 13.24 -9.62
C ARG E 113 5.11 12.82 -10.39
N GLY E 114 5.16 11.69 -11.09
CA GLY E 114 3.98 11.19 -11.78
C GLY E 114 2.89 10.72 -10.85
N ASP E 115 3.21 10.48 -9.57
CA ASP E 115 2.22 10.05 -8.59
C ASP E 115 1.75 11.17 -7.67
N PHE E 116 2.55 12.22 -7.49
CA PHE E 116 2.34 13.16 -6.39
C PHE E 116 2.37 14.64 -6.77
N ALA E 117 2.92 15.03 -7.91
CA ALA E 117 3.22 16.43 -8.17
C ALA E 117 2.57 16.91 -9.47
N ILE E 118 2.44 18.23 -9.58
CA ILE E 118 1.79 18.86 -10.73
C ILE E 118 2.64 19.99 -11.30
N ASP E 119 2.99 20.97 -10.46
CA ASP E 119 3.74 22.14 -10.92
C ASP E 119 5.24 21.92 -10.82
N VAL E 120 5.97 22.44 -11.80
CA VAL E 120 7.42 22.30 -11.80
C VAL E 120 8.04 23.04 -10.61
N GLY E 121 7.45 24.16 -10.21
CA GLY E 121 7.89 24.88 -9.03
C GLY E 121 7.44 24.29 -7.72
N ARG E 122 6.71 23.18 -7.78
CA ARG E 122 6.32 22.41 -6.60
C ARG E 122 6.47 20.92 -6.92
N ASN E 123 7.65 20.54 -7.42
CA ASN E 123 7.88 19.17 -7.88
C ASN E 123 8.46 18.26 -6.79
N VAL E 124 8.32 18.64 -5.52
CA VAL E 124 8.38 17.71 -4.40
C VAL E 124 9.79 17.28 -4.02
N CYS E 125 10.68 17.09 -5.00
CA CYS E 125 11.97 16.52 -4.67
C CYS E 125 13.05 17.03 -5.62
N HIS E 126 14.30 16.75 -5.23
CA HIS E 126 15.48 17.07 -6.03
C HIS E 126 16.39 15.85 -6.14
N GLY E 127 16.99 15.69 -7.31
CA GLY E 127 18.00 14.66 -7.52
C GLY E 127 19.17 15.15 -8.36
N SER E 128 20.39 14.87 -7.91
CA SER E 128 21.58 15.25 -8.66
C SER E 128 21.50 14.73 -10.09
N ASP E 129 21.93 15.56 -11.05
CA ASP E 129 21.82 15.20 -12.45
C ASP E 129 23.07 14.53 -13.02
N SER E 130 24.18 14.49 -12.27
CA SER E 130 25.39 13.86 -12.77
C SER E 130 26.21 13.37 -11.59
N VAL E 131 27.18 12.50 -11.89
CA VAL E 131 28.09 11.99 -10.86
C VAL E 131 28.89 13.13 -10.26
N GLU E 132 29.37 14.05 -11.10
CA GLU E 132 30.16 15.18 -10.62
C GLU E 132 29.32 16.11 -9.76
N ASN E 133 28.15 16.50 -10.24
CA ASN E 133 27.28 17.38 -9.45
C ASN E 133 26.83 16.71 -8.16
N ALA E 134 26.73 15.37 -8.16
CA ALA E 134 26.35 14.66 -6.94
C ALA E 134 27.42 14.83 -5.87
N LYS E 135 28.69 14.65 -6.23
CA LYS E 135 29.77 14.82 -5.26
C LYS E 135 29.79 16.23 -4.71
N LYS E 136 29.64 17.23 -5.57
CA LYS E 136 29.60 18.63 -5.13
C LYS E 136 28.42 18.88 -4.20
N GLU E 137 27.24 18.38 -4.55
CA GLU E 137 26.06 18.61 -3.74
C GLU E 137 26.13 17.86 -2.41
N ILE E 138 26.71 16.65 -2.42
CA ILE E 138 26.90 15.93 -1.17
C ILE E 138 27.82 16.71 -0.24
N ALA E 139 28.92 17.24 -0.77
CA ALA E 139 29.84 18.03 0.05
C ALA E 139 29.18 19.32 0.53
N LEU E 140 28.31 19.92 -0.28
CA LEU E 140 27.65 21.15 0.13
C LEU E 140 26.68 20.91 1.28
N TRP E 141 25.95 19.79 1.26
CA TRP E 141 24.86 19.58 2.21
C TRP E 141 25.27 18.79 3.43
N PHE E 142 26.28 17.93 3.34
CA PHE E 142 26.66 17.06 4.45
C PHE E 142 28.12 17.25 4.82
N LYS E 143 28.41 17.09 6.11
CA LYS E 143 29.77 16.90 6.55
C LYS E 143 30.20 15.47 6.29
N PRO E 144 31.51 15.24 6.06
CA PRO E 144 31.94 13.88 5.70
C PRO E 144 31.56 12.82 6.71
N GLU E 145 31.52 13.16 8.01
CA GLU E 145 31.19 12.18 9.03
C GLU E 145 29.69 11.90 9.14
N GLU E 146 28.85 12.64 8.42
CA GLU E 146 27.42 12.35 8.40
C GLU E 146 27.07 11.22 7.46
N LEU E 147 28.00 10.80 6.60
CA LEU E 147 27.80 9.64 5.74
C LEU E 147 28.21 8.38 6.51
N ILE E 148 27.25 7.50 6.76
CA ILE E 148 27.46 6.30 7.55
C ILE E 148 27.93 5.17 6.67
N SER E 149 28.92 4.41 7.15
CA SER E 149 29.47 3.29 6.42
C SER E 149 28.83 2.01 6.94
N TRP E 150 28.16 1.28 6.04
CA TRP E 150 27.55 0.00 6.39
C TRP E 150 27.24 -0.76 5.10
N LYS E 151 26.97 -2.06 5.26
CA LYS E 151 26.70 -2.95 4.14
C LYS E 151 25.37 -3.64 4.36
N SER E 152 24.48 -3.51 3.38
CA SER E 152 23.16 -4.11 3.47
C SER E 152 23.24 -5.63 3.53
N ALA E 153 22.36 -6.24 4.33
CA ALA E 153 22.34 -7.70 4.45
C ALA E 153 21.89 -8.38 3.16
N THR E 154 21.22 -7.66 2.26
CA THR E 154 20.77 -8.22 1.00
C THR E 154 21.59 -7.70 -0.17
N PHE E 155 22.84 -7.30 0.09
CA PHE E 155 23.70 -6.78 -0.97
C PHE E 155 23.89 -7.81 -2.08
N ASP E 156 24.21 -9.05 -1.71
CA ASP E 156 24.47 -10.10 -2.70
C ASP E 156 23.20 -10.56 -3.41
N TRP E 157 22.02 -10.14 -2.95
CA TRP E 157 20.79 -10.41 -3.65
C TRP E 157 20.30 -9.23 -4.47
N VAL E 158 20.80 -8.03 -4.20
CA VAL E 158 20.54 -6.87 -5.05
C VAL E 158 21.51 -6.80 -6.21
N TYR E 159 22.76 -7.17 -5.98
CA TYR E 159 23.84 -6.99 -6.95
C TYR E 159 24.49 -8.32 -7.30
N GLU E 160 24.78 -8.50 -8.59
CA GLU E 160 25.54 -9.64 -9.06
C GLU E 160 27.04 -9.40 -9.03
N LYS E 161 27.48 -8.17 -8.74
CA LYS E 161 28.89 -7.81 -8.74
C LYS E 161 29.05 -6.56 -7.89
N ALA E 162 30.30 -6.19 -7.65
CA ALA E 162 30.62 -5.01 -6.84
C ALA E 162 30.37 -3.72 -7.61
N MET F 10 -8.92 -16.81 -26.60
CA MET F 10 -7.72 -15.98 -26.46
C MET F 10 -7.49 -15.63 -24.99
N SER F 11 -8.57 -15.56 -24.23
CA SER F 11 -8.48 -15.29 -22.79
C SER F 11 -7.93 -16.47 -22.00
N ASN F 12 -7.60 -17.59 -22.66
CA ASN F 12 -7.02 -18.74 -21.98
C ASN F 12 -5.52 -18.87 -22.26
N GLU F 13 -4.90 -17.85 -22.83
CA GLU F 13 -3.46 -17.87 -23.02
C GLU F 13 -2.77 -18.01 -21.67
N GLN F 14 -1.66 -18.73 -21.65
CA GLN F 14 -0.93 -19.01 -20.44
C GLN F 14 0.52 -18.60 -20.60
N THR F 15 1.13 -18.17 -19.49
CA THR F 15 2.54 -17.83 -19.47
C THR F 15 3.15 -18.41 -18.20
N PHE F 16 4.47 -18.56 -18.22
CA PHE F 16 5.22 -19.04 -17.06
C PHE F 16 5.92 -17.85 -16.40
N ILE F 17 5.55 -17.57 -15.15
CA ILE F 17 6.16 -16.52 -14.36
C ILE F 17 6.85 -17.18 -13.17
N ALA F 18 8.11 -16.83 -12.95
CA ALA F 18 8.88 -17.38 -11.84
C ALA F 18 9.51 -16.24 -11.06
N ILE F 19 9.45 -16.33 -9.74
CA ILE F 19 10.19 -15.43 -8.87
C ILE F 19 11.55 -16.06 -8.59
N LYS F 20 12.61 -15.38 -8.97
CA LYS F 20 13.96 -15.91 -8.85
C LYS F 20 14.40 -15.86 -7.38
N PRO F 21 15.50 -16.54 -7.03
CA PRO F 21 15.92 -16.56 -5.62
C PRO F 21 16.12 -15.19 -4.99
N ASP F 22 16.52 -14.17 -5.75
CA ASP F 22 16.68 -12.85 -5.16
C ASP F 22 15.32 -12.24 -4.80
N GLY F 23 14.29 -12.49 -5.61
CA GLY F 23 12.97 -12.02 -5.26
C GLY F 23 12.43 -12.68 -4.02
N VAL F 24 12.65 -13.99 -3.89
CA VAL F 24 12.24 -14.71 -2.69
C VAL F 24 13.03 -14.23 -1.48
N GLN F 25 14.34 -14.02 -1.64
CA GLN F 25 15.19 -13.63 -0.52
C GLN F 25 14.85 -12.24 -0.02
N ARG F 26 14.48 -11.33 -0.92
CA ARG F 26 14.19 -9.96 -0.58
C ARG F 26 12.74 -9.75 -0.16
N GLY F 27 11.96 -10.82 -0.05
CA GLY F 27 10.59 -10.72 0.42
C GLY F 27 9.65 -10.03 -0.55
N LEU F 28 9.70 -10.42 -1.82
CA LEU F 28 8.87 -9.82 -2.86
C LEU F 28 7.82 -10.77 -3.41
N ILE F 29 7.56 -11.90 -2.75
CA ILE F 29 6.62 -12.87 -3.28
C ILE F 29 5.21 -12.29 -3.33
N GLY F 30 4.75 -11.72 -2.22
CA GLY F 30 3.46 -11.07 -2.15
C GLY F 30 3.26 -9.97 -3.16
N PRO F 31 4.14 -8.96 -3.17
CA PRO F 31 3.96 -7.84 -4.11
C PRO F 31 3.93 -8.26 -5.57
N ILE F 32 4.70 -9.27 -5.96
CA ILE F 32 4.73 -9.69 -7.35
C ILE F 32 3.44 -10.39 -7.73
N ILE F 33 2.97 -11.30 -6.87
CA ILE F 33 1.69 -11.97 -7.11
C ILE F 33 0.57 -10.94 -7.18
N SER F 34 0.57 -9.96 -6.27
CA SER F 34 -0.47 -8.93 -6.30
C SER F 34 -0.46 -8.15 -7.60
N ARG F 35 0.72 -7.96 -8.19
CA ARG F 35 0.81 -7.25 -9.46
C ARG F 35 0.01 -7.95 -10.54
N PHE F 36 0.18 -9.28 -10.66
CA PHE F 36 -0.59 -10.04 -11.63
C PHE F 36 -2.04 -10.21 -11.18
N GLU F 37 -2.25 -10.40 -9.88
CA GLU F 37 -3.60 -10.56 -9.35
C GLU F 37 -4.45 -9.33 -9.63
N ASN F 38 -3.88 -8.13 -9.43
CA ASN F 38 -4.64 -6.90 -9.62
C ASN F 38 -4.92 -6.61 -11.08
N ARG F 39 -4.05 -7.07 -11.98
CA ARG F 39 -4.28 -6.83 -13.40
C ARG F 39 -5.49 -7.58 -13.93
N GLY F 40 -5.89 -8.68 -13.28
CA GLY F 40 -7.01 -9.48 -13.71
C GLY F 40 -6.64 -10.86 -14.20
N PHE F 41 -5.37 -11.25 -14.11
CA PHE F 41 -4.98 -12.56 -14.59
C PHE F 41 -5.31 -13.63 -13.55
N LYS F 42 -5.46 -14.86 -14.04
CA LYS F 42 -5.88 -15.98 -13.21
C LYS F 42 -4.68 -16.89 -12.93
N LEU F 43 -4.37 -17.09 -11.64
CA LEU F 43 -3.31 -18.00 -11.25
C LEU F 43 -3.83 -19.43 -11.30
N VAL F 44 -3.28 -20.24 -12.20
CA VAL F 44 -3.72 -21.62 -12.37
C VAL F 44 -2.70 -22.63 -11.86
N ALA F 45 -1.48 -22.20 -11.52
CA ALA F 45 -0.51 -23.14 -10.98
C ALA F 45 0.58 -22.35 -10.26
N MET F 46 1.05 -22.87 -9.13
CA MET F 46 2.11 -22.24 -8.37
C MET F 46 2.71 -23.25 -7.40
N LYS F 47 4.03 -23.18 -7.22
CA LYS F 47 4.70 -23.99 -6.22
C LYS F 47 6.06 -23.38 -5.90
N LEU F 48 6.45 -23.45 -4.64
CA LEU F 48 7.81 -23.11 -4.23
C LEU F 48 8.68 -24.34 -4.45
N VAL F 49 9.77 -24.18 -5.22
CA VAL F 49 10.52 -25.31 -5.71
C VAL F 49 12.00 -24.94 -5.80
N SER F 50 12.86 -25.92 -5.59
CA SER F 50 14.31 -25.79 -5.78
C SER F 50 14.69 -26.81 -6.84
N PRO F 51 14.51 -26.48 -8.12
CA PRO F 51 14.64 -27.48 -9.19
C PRO F 51 16.07 -27.96 -9.33
N PRO F 52 16.26 -29.15 -9.89
CA PRO F 52 17.63 -29.65 -10.12
C PRO F 52 18.35 -28.84 -11.17
N GLN F 53 19.68 -28.88 -11.10
CA GLN F 53 20.51 -28.12 -12.02
C GLN F 53 20.20 -28.44 -13.48
N SER F 54 19.93 -29.72 -13.78
CA SER F 54 19.64 -30.11 -15.15
C SER F 54 18.39 -29.41 -15.68
N GLN F 55 17.39 -29.18 -14.82
CA GLN F 55 16.18 -28.48 -15.25
C GLN F 55 16.47 -27.01 -15.53
N LEU F 56 17.33 -26.39 -14.71
CA LEU F 56 17.66 -24.98 -14.93
C LEU F 56 18.48 -24.82 -16.21
N GLU F 57 19.49 -25.68 -16.41
CA GLU F 57 20.23 -25.67 -17.67
C GLU F 57 19.29 -25.91 -18.84
N GLN F 58 18.31 -26.79 -18.66
CA GLN F 58 17.32 -27.03 -19.70
C GLN F 58 16.43 -25.82 -19.93
N HIS F 59 16.15 -25.05 -18.87
CA HIS F 59 15.29 -23.88 -19.02
C HIS F 59 15.98 -22.78 -19.84
N TYR F 60 17.25 -22.51 -19.53
CA TYR F 60 18.03 -21.50 -20.23
C TYR F 60 18.88 -22.09 -21.34
N ALA F 61 18.42 -23.19 -21.95
CA ALA F 61 19.24 -23.88 -22.95
C ALA F 61 19.49 -23.02 -24.18
N ASP F 62 18.56 -22.13 -24.52
CA ASP F 62 18.77 -21.25 -25.68
C ASP F 62 19.94 -20.31 -25.47
N LEU F 63 20.33 -20.05 -24.23
CA LEU F 63 21.45 -19.18 -23.90
C LEU F 63 22.63 -19.98 -23.33
N SER F 64 22.76 -21.24 -23.76
CA SER F 64 23.70 -22.14 -23.11
C SER F 64 25.16 -21.79 -23.41
N ASP F 65 25.45 -21.28 -24.61
CA ASP F 65 26.82 -21.00 -25.01
C ASP F 65 27.16 -19.52 -24.96
N LYS F 66 26.21 -18.66 -24.61
CA LYS F 66 26.50 -17.26 -24.37
C LYS F 66 27.23 -17.11 -23.05
N PRO F 67 27.80 -15.94 -22.75
CA PRO F 67 28.36 -15.72 -21.41
C PRO F 67 27.30 -15.74 -20.33
N PHE F 68 27.69 -15.38 -19.10
CA PHE F 68 26.83 -15.35 -17.91
C PHE F 68 25.98 -16.61 -17.73
N PHE F 69 26.32 -17.71 -18.42
CA PHE F 69 25.47 -18.89 -18.36
C PHE F 69 25.68 -19.67 -17.07
N LYS F 70 26.92 -20.11 -16.82
CA LYS F 70 27.19 -20.87 -15.60
C LYS F 70 26.88 -20.06 -14.35
N GLY F 71 27.13 -18.74 -14.40
CA GLY F 71 26.77 -17.89 -13.28
C GLY F 71 25.27 -17.76 -13.10
N LEU F 72 24.52 -17.78 -14.21
CA LEU F 72 23.07 -17.72 -14.11
C LEU F 72 22.50 -19.01 -13.52
N VAL F 73 23.04 -20.15 -13.92
CA VAL F 73 22.56 -21.42 -13.40
C VAL F 73 22.87 -21.54 -11.90
N SER F 74 24.10 -21.21 -11.52
CA SER F 74 24.47 -21.30 -10.10
C SER F 74 23.65 -20.35 -9.24
N TYR F 75 23.29 -19.19 -9.79
CA TYR F 75 22.47 -18.25 -9.04
C TYR F 75 21.02 -18.70 -8.97
N MET F 76 20.51 -19.30 -10.05
CA MET F 76 19.16 -19.87 -10.01
C MET F 76 19.09 -21.08 -9.08
N LEU F 77 20.24 -21.68 -8.75
CA LEU F 77 20.30 -22.75 -7.78
C LEU F 77 20.48 -22.26 -6.35
N SER F 78 20.79 -20.98 -6.16
CA SER F 78 21.22 -20.46 -4.86
C SER F 78 20.09 -20.28 -3.86
N GLY F 79 18.83 -20.44 -4.29
CA GLY F 79 17.72 -20.28 -3.38
C GLY F 79 16.41 -20.76 -3.98
N PRO F 80 15.36 -20.74 -3.18
CA PRO F 80 14.06 -21.21 -3.67
C PRO F 80 13.55 -20.35 -4.81
N ILE F 81 12.72 -20.96 -5.65
CA ILE F 81 12.09 -20.29 -6.78
C ILE F 81 10.59 -20.50 -6.66
N CYS F 82 9.83 -19.44 -6.86
CA CYS F 82 8.36 -19.50 -6.85
C CYS F 82 7.90 -19.55 -8.30
N ALA F 83 7.57 -20.75 -8.77
CA ALA F 83 7.14 -20.95 -10.15
C ALA F 83 5.62 -20.79 -10.25
N MET F 84 5.17 -20.14 -11.31
CA MET F 84 3.76 -19.82 -11.47
C MET F 84 3.34 -19.94 -12.92
N VAL F 85 2.06 -20.26 -13.11
CA VAL F 85 1.41 -20.20 -14.42
C VAL F 85 0.22 -19.24 -14.30
N TRP F 86 0.23 -18.19 -15.10
CA TRP F 86 -0.84 -17.22 -15.13
C TRP F 86 -1.58 -17.31 -16.46
N GLU F 87 -2.88 -17.04 -16.41
CA GLU F 87 -3.75 -17.22 -17.55
C GLU F 87 -4.57 -15.97 -17.81
N GLY F 88 -4.66 -15.57 -19.07
CA GLY F 88 -5.44 -14.42 -19.45
C GLY F 88 -5.07 -13.97 -20.85
N ARG F 89 -5.88 -13.05 -21.36
CA ARG F 89 -5.66 -12.56 -22.72
C ARG F 89 -4.34 -11.82 -22.80
N ASP F 90 -3.51 -12.23 -23.77
CA ASP F 90 -2.19 -11.62 -24.00
C ASP F 90 -1.34 -11.61 -22.73
N VAL F 91 -1.47 -12.67 -21.93
CA VAL F 91 -0.77 -12.71 -20.65
C VAL F 91 0.73 -12.83 -20.86
N VAL F 92 1.17 -13.41 -21.98
CA VAL F 92 2.60 -13.54 -22.25
C VAL F 92 3.22 -12.17 -22.46
N LYS F 93 2.62 -11.36 -23.35
CA LYS F 93 3.18 -10.06 -23.67
C LYS F 93 2.95 -9.06 -22.52
N THR F 94 1.72 -8.99 -22.01
CA THR F 94 1.45 -8.09 -20.90
C THR F 94 2.22 -8.51 -19.65
N GLY F 95 2.40 -9.81 -19.44
CA GLY F 95 3.25 -10.26 -18.36
C GLY F 95 4.66 -9.71 -18.43
N ARG F 96 5.25 -9.71 -19.63
CA ARG F 96 6.59 -9.15 -19.79
C ARG F 96 6.58 -7.64 -19.54
N THR F 97 5.54 -6.94 -20.01
CA THR F 97 5.41 -5.51 -19.75
C THR F 97 5.30 -5.23 -18.25
N ILE F 98 4.59 -6.10 -17.53
CA ILE F 98 4.47 -5.94 -16.07
C ILE F 98 5.83 -6.13 -15.40
N LEU F 99 6.59 -7.13 -15.84
CA LEU F 99 7.92 -7.34 -15.27
C LEU F 99 8.85 -6.16 -15.54
N GLY F 100 8.73 -5.53 -16.69
CA GLY F 100 9.64 -4.49 -17.10
C GLY F 100 10.79 -5.04 -17.93
N ALA F 101 11.62 -4.11 -18.42
CA ALA F 101 12.76 -4.48 -19.26
C ALA F 101 13.67 -5.47 -18.55
N THR F 102 14.25 -6.38 -19.33
CA THR F 102 15.10 -7.44 -18.78
C THR F 102 16.22 -6.86 -17.92
N ASN F 103 16.87 -5.81 -18.40
CA ASN F 103 17.84 -5.09 -17.58
C ASN F 103 17.10 -4.04 -16.77
N PRO F 104 17.09 -4.15 -15.43
CA PRO F 104 16.31 -3.19 -14.63
C PRO F 104 16.72 -1.74 -14.82
N LEU F 105 17.95 -1.47 -15.26
CA LEU F 105 18.36 -0.09 -15.51
C LEU F 105 17.63 0.52 -16.70
N ALA F 106 17.03 -0.29 -17.55
CA ALA F 106 16.21 0.17 -18.66
C ALA F 106 14.72 0.04 -18.41
N SER F 107 14.33 -0.42 -17.22
CA SER F 107 12.92 -0.58 -16.91
C SER F 107 12.32 0.72 -16.42
N ALA F 108 10.99 0.80 -16.50
CA ALA F 108 10.32 2.01 -16.05
C ALA F 108 9.72 1.81 -14.66
N PRO F 109 9.82 2.81 -13.77
CA PRO F 109 9.09 2.74 -12.51
C PRO F 109 7.62 2.45 -12.77
N GLY F 110 7.04 1.60 -11.92
CA GLY F 110 5.71 1.06 -12.12
C GLY F 110 5.72 -0.41 -12.49
N THR F 111 6.79 -0.88 -13.13
CA THR F 111 7.00 -2.30 -13.39
C THR F 111 7.68 -2.95 -12.18
N ILE F 112 7.72 -4.28 -12.20
CA ILE F 112 8.32 -5.01 -11.09
C ILE F 112 9.81 -4.68 -10.98
N ARG F 113 10.53 -4.79 -12.10
CA ARG F 113 11.96 -4.46 -12.06
C ARG F 113 12.17 -2.97 -11.88
N GLY F 114 11.27 -2.13 -12.42
CA GLY F 114 11.38 -0.70 -12.23
C GLY F 114 11.14 -0.25 -10.81
N ASP F 115 10.46 -1.06 -10.01
CA ASP F 115 10.22 -0.74 -8.61
C ASP F 115 11.19 -1.44 -7.65
N PHE F 116 11.78 -2.57 -8.03
CA PHE F 116 12.47 -3.41 -7.07
C PHE F 116 13.89 -3.84 -7.43
N ALA F 117 14.35 -3.67 -8.68
CA ALA F 117 15.59 -4.31 -9.11
C ALA F 117 16.55 -3.30 -9.74
N ILE F 118 17.81 -3.73 -9.86
CA ILE F 118 18.88 -2.88 -10.40
C ILE F 118 19.72 -3.65 -11.41
N ASP F 119 20.31 -4.77 -10.97
CA ASP F 119 21.22 -5.56 -11.81
C ASP F 119 20.45 -6.57 -12.65
N VAL F 120 20.88 -6.71 -13.91
CA VAL F 120 20.21 -7.66 -14.82
C VAL F 120 20.38 -9.09 -14.34
N GLY F 121 21.51 -9.41 -13.70
CA GLY F 121 21.70 -10.70 -13.08
C GLY F 121 20.94 -10.90 -11.78
N ARG F 122 20.26 -9.85 -11.31
CA ARG F 122 19.40 -9.89 -10.14
C ARG F 122 18.07 -9.22 -10.44
N ASN F 123 17.43 -9.65 -11.53
CA ASN F 123 16.21 -9.01 -12.01
C ASN F 123 14.94 -9.68 -11.48
N VAL F 124 15.05 -10.46 -10.40
CA VAL F 124 13.94 -10.77 -9.51
C VAL F 124 12.96 -11.80 -10.07
N CYS F 125 12.66 -11.72 -11.37
N CYS F 125 12.64 -11.70 -11.37
CA CYS F 125 11.59 -12.53 -11.93
CA CYS F 125 11.57 -12.50 -11.94
C CYS F 125 11.94 -12.96 -13.34
C CYS F 125 11.95 -12.97 -13.34
N HIS F 126 11.18 -13.95 -13.83
CA HIS F 126 11.28 -14.43 -15.20
C HIS F 126 9.88 -14.52 -15.80
N GLY F 127 9.79 -14.21 -17.09
CA GLY F 127 8.56 -14.40 -17.83
C GLY F 127 8.83 -14.92 -19.23
N SER F 128 7.99 -15.84 -19.70
CA SER F 128 8.13 -16.36 -21.06
C SER F 128 7.98 -15.23 -22.08
N ASP F 129 8.78 -15.29 -23.14
CA ASP F 129 8.79 -14.23 -24.14
C ASP F 129 7.94 -14.56 -25.37
N SER F 130 7.37 -15.76 -25.45
CA SER F 130 6.50 -16.10 -26.57
C SER F 130 5.49 -17.15 -26.11
N VAL F 131 4.39 -17.23 -26.86
CA VAL F 131 3.34 -18.21 -26.53
C VAL F 131 3.90 -19.63 -26.62
N GLU F 132 4.73 -19.90 -27.63
CA GLU F 132 5.25 -21.25 -27.79
C GLU F 132 6.32 -21.57 -26.74
N ASN F 133 7.17 -20.59 -26.42
CA ASN F 133 8.14 -20.81 -25.34
C ASN F 133 7.45 -20.98 -23.99
N ALA F 134 6.30 -20.33 -23.80
CA ALA F 134 5.56 -20.51 -22.55
C ALA F 134 5.08 -21.95 -22.39
N LYS F 135 4.51 -22.53 -23.45
CA LYS F 135 4.04 -23.91 -23.38
C LYS F 135 5.19 -24.86 -23.06
N LYS F 136 6.38 -24.60 -23.61
CA LYS F 136 7.53 -25.44 -23.31
C LYS F 136 7.96 -25.28 -21.85
N GLU F 137 8.08 -24.04 -21.39
CA GLU F 137 8.49 -23.81 -20.00
C GLU F 137 7.45 -24.35 -19.03
N ILE F 138 6.16 -24.19 -19.33
CA ILE F 138 5.11 -24.73 -18.48
C ILE F 138 5.23 -26.26 -18.38
N ALA F 139 5.42 -26.92 -19.53
CA ALA F 139 5.62 -28.36 -19.52
C ALA F 139 6.92 -28.74 -18.80
N LEU F 140 7.94 -27.90 -18.92
CA LEU F 140 9.21 -28.22 -18.28
C LEU F 140 9.12 -28.10 -16.76
N TRP F 141 8.34 -27.13 -16.26
CA TRP F 141 8.33 -26.81 -14.84
C TRP F 141 7.17 -27.45 -14.08
N PHE F 142 6.08 -27.80 -14.76
CA PHE F 142 4.89 -28.30 -14.08
C PHE F 142 4.44 -29.61 -14.69
N LYS F 143 3.97 -30.51 -13.83
CA LYS F 143 3.20 -31.65 -14.28
C LYS F 143 1.79 -31.20 -14.67
N PRO F 144 1.17 -31.88 -15.63
CA PRO F 144 -0.16 -31.42 -16.10
C PRO F 144 -1.20 -31.32 -15.00
N GLU F 145 -1.15 -32.18 -13.98
CA GLU F 145 -2.14 -32.15 -12.91
C GLU F 145 -1.89 -31.01 -11.92
N GLU F 146 -0.81 -30.26 -12.07
CA GLU F 146 -0.55 -29.12 -11.20
C GLU F 146 -1.20 -27.83 -11.71
N LEU F 147 -1.73 -27.84 -12.93
CA LEU F 147 -2.52 -26.72 -13.44
C LEU F 147 -3.97 -26.91 -13.02
N ILE F 148 -4.47 -25.99 -12.19
CA ILE F 148 -5.80 -26.12 -11.60
C ILE F 148 -6.81 -25.39 -12.47
N SER F 149 -7.95 -26.04 -12.70
CA SER F 149 -9.00 -25.51 -13.57
C SER F 149 -10.07 -24.86 -12.72
N TRP F 150 -10.30 -23.56 -12.94
CA TRP F 150 -11.34 -22.83 -12.23
C TRP F 150 -11.70 -21.60 -13.03
N LYS F 151 -12.79 -20.96 -12.64
CA LYS F 151 -13.30 -19.76 -13.30
C LYS F 151 -13.45 -18.65 -12.27
N SER F 152 -12.82 -17.52 -12.54
CA SER F 152 -12.89 -16.38 -11.65
C SER F 152 -14.31 -15.83 -11.57
N ALA F 153 -14.72 -15.43 -10.36
CA ALA F 153 -16.05 -14.85 -10.18
C ALA F 153 -16.22 -13.54 -10.92
N THR F 154 -15.13 -12.83 -11.24
CA THR F 154 -15.19 -11.57 -11.95
C THR F 154 -14.74 -11.69 -13.39
N PHE F 155 -14.79 -12.90 -13.96
CA PHE F 155 -14.32 -13.13 -15.32
C PHE F 155 -15.03 -12.22 -16.32
N ASP F 156 -16.35 -12.09 -16.20
CA ASP F 156 -17.12 -11.28 -17.14
C ASP F 156 -16.95 -9.78 -16.91
N TRP F 157 -16.39 -9.38 -15.77
CA TRP F 157 -16.07 -7.97 -15.55
C TRP F 157 -14.66 -7.62 -15.96
N VAL F 158 -13.79 -8.62 -16.13
CA VAL F 158 -12.46 -8.41 -16.69
C VAL F 158 -12.50 -8.47 -18.20
N TYR F 159 -13.29 -9.38 -18.77
CA TYR F 159 -13.30 -9.65 -20.20
C TYR F 159 -14.66 -9.33 -20.80
N GLU F 160 -14.64 -8.67 -21.95
CA GLU F 160 -15.86 -8.47 -22.73
C GLU F 160 -16.21 -9.69 -23.57
N LYS F 161 -15.24 -10.53 -23.88
CA LYS F 161 -15.44 -11.75 -24.65
C LYS F 161 -14.31 -12.72 -24.33
N ALA F 162 -14.53 -13.98 -24.64
CA ALA F 162 -13.53 -15.02 -24.37
C ALA F 162 -12.54 -15.12 -25.52
N1 UDP G . -14.86 1.11 -26.33
C2 UDP G . -15.15 -0.23 -26.53
N3 UDP G . -14.63 -0.78 -27.67
C4 UDP G . -13.86 -0.13 -28.62
C5 UDP G . -13.60 1.24 -28.34
C6 UDP G . -14.09 1.82 -27.23
O2 UDP G . -15.83 -0.88 -25.75
O4 UDP G . -13.45 -0.76 -29.61
C1' UDP G . -15.38 1.74 -25.12
C2' UDP G . -14.32 1.94 -24.02
O2' UDP G . -14.88 1.67 -22.74
C3' UDP G . -13.94 3.40 -24.21
C4' UDP G . -15.27 4.02 -24.60
O4' UDP G . -15.88 3.03 -25.45
O3' UDP G . -13.40 3.99 -23.03
C5' UDP G . -15.19 5.34 -25.33
O5' UDP G . -14.10 5.28 -26.27
PA UDP G . -13.35 6.59 -26.72
O1A UDP G . -12.94 6.39 -28.14
O2A UDP G . -14.19 7.84 -26.42
O3A UDP G . -12.06 6.67 -25.79
PB UDP G . -11.94 7.30 -24.34
O1B UDP G . -12.89 6.45 -23.49
O2B UDP G . -12.52 8.71 -24.52
O3B UDP G . -10.53 7.30 -23.83
MG MG H . -24.29 9.28 17.91
N1 UDP I . -17.18 14.91 19.43
C2 UDP I . -16.37 15.95 19.86
N3 UDP I . -16.10 15.96 21.20
C4 UDP I . -16.55 15.06 22.15
C5 UDP I . -17.39 14.02 21.63
C6 UDP I . -17.68 13.98 20.32
O2 UDP I . -15.92 16.80 19.10
O4 UDP I . -16.23 15.19 23.33
C1' UDP I . -17.49 14.85 17.99
C2' UDP I . -16.87 13.67 17.26
O2' UDP I . -16.68 14.00 15.89
C3' UDP I . -17.94 12.59 17.45
C4' UDP I . -19.23 13.39 17.44
O4' UDP I . -18.89 14.73 17.86
O3' UDP I . -17.90 11.65 16.38
C5' UDP I . -20.32 12.87 18.37
O5' UDP I . -20.60 11.50 18.06
PA UDP I . -20.95 10.46 19.19
O1A UDP I . -22.36 10.06 18.98
O2A UDP I . -20.58 11.01 20.57
O3A UDP I . -19.98 9.24 18.92
PB UDP I . -19.74 8.59 17.49
O1B UDP I . -18.71 7.50 17.79
O2B UDP I . -21.10 7.96 17.18
O3B UDP I . -19.30 9.61 16.49
N1 UDP J . -16.65 -22.56 10.31
C2 UDP J . -17.91 -22.34 9.80
N3 UDP J . -18.91 -22.20 10.75
C4 UDP J . -18.75 -22.26 12.11
C5 UDP J . -17.42 -22.49 12.57
C6 UDP J . -16.43 -22.63 11.67
O2 UDP J . -18.15 -22.28 8.60
O4 UDP J . -19.74 -22.11 12.85
C1' UDP J . -15.54 -22.72 9.35
C2' UDP J . -14.50 -21.60 9.39
O2' UDP J . -13.89 -21.45 8.11
C3' UDP J . -13.52 -22.13 10.44
C4' UDP J . -13.59 -23.64 10.25
O4' UDP J . -14.86 -23.92 9.63
O3' UDP J . -12.20 -21.63 10.22
C5' UDP J . -13.49 -24.45 11.52
O5' UDP J . -12.21 -24.24 12.14
PA UDP J . -12.06 -24.12 13.70
O1A UDP J . -11.09 -25.16 14.25
O2A UDP J . -13.43 -24.13 14.26
O3A UDP J . -11.39 -22.70 13.94
PB UDP J . -10.09 -22.24 13.17
O1B UDP J . -9.05 -23.26 13.61
O2B UDP J . -9.78 -20.88 13.80
O3B UDP J . -10.30 -22.19 11.69
N1 UDP K . 15.49 -5.67 25.41
C2 UDP K . 16.06 -6.91 25.13
N3 UDP K . 15.72 -7.91 26.01
C4 UDP K . 14.88 -7.81 27.10
C5 UDP K . 14.34 -6.51 27.33
C6 UDP K . 14.65 -5.50 26.49
O2 UDP K . 16.80 -7.09 24.20
O4 UDP K . 14.66 -8.82 27.81
C1' UDP K . 15.81 -4.55 24.52
C2' UDP K . 14.69 -4.22 23.54
O2' UDP K . 15.22 -3.89 22.26
C3' UDP K . 14.01 -3.02 24.21
C4' UDP K . 15.21 -2.33 24.86
O4' UDP K . 16.05 -3.41 25.31
O3' UDP K . 13.36 -2.18 23.27
C5' UDP K . 14.88 -1.43 26.03
O5' UDP K . 13.85 -2.07 26.83
PA UDP K . 12.75 -1.22 27.58
O1A UDP K . 12.40 -1.96 28.81
O2A UDP K . 13.19 0.23 27.73
O3A UDP K . 11.50 -1.20 26.58
PB UDP K . 11.15 -0.08 25.53
O1B UDP K . 9.73 -0.47 25.06
O2B UDP K . 11.06 1.19 26.38
O3B UDP K . 12.14 0.00 24.41
MG MG L . 20.10 21.30 -11.79
N1 UDP M . 12.38 24.89 -11.69
C2 UDP M . 11.30 25.75 -11.70
N3 UDP M . 10.95 26.24 -12.94
C4 UDP M . 11.56 25.93 -14.14
C5 UDP M . 12.67 25.03 -14.05
C6 UDP M . 13.03 24.55 -12.85
O2 UDP M . 10.70 26.08 -10.68
O4 UDP M . 11.12 26.44 -15.19
C1' UDP M . 12.81 24.35 -10.40
C2' UDP M . 12.35 22.90 -10.17
O2' UDP M . 11.90 22.73 -8.83
C3' UDP M . 13.63 22.10 -10.44
C4' UDP M . 14.71 23.05 -9.97
O4' UDP M . 14.23 24.36 -10.35
O3' UDP M . 13.66 20.87 -9.72
C5' UDP M . 16.08 22.83 -10.55
O5' UDP M . 15.97 22.83 -12.00
PA UDP M . 16.87 21.88 -12.88
O1A UDP M . 18.15 21.68 -12.15
O2A UDP M . 16.97 22.39 -14.32
O3A UDP M . 16.06 20.51 -12.94
PB UDP M . 16.29 19.21 -12.06
O1B UDP M . 15.51 18.03 -12.57
O2B UDP M . 15.88 19.66 -10.66
O3B UDP M . 17.80 19.00 -12.12
N1 UDP N . 20.76 -12.30 -17.98
C2 UDP N . 21.95 -11.99 -17.36
N3 UDP N . 22.81 -11.21 -18.09
C4 UDP N . 22.60 -10.70 -19.36
C5 UDP N . 21.33 -11.05 -19.93
C6 UDP N . 20.47 -11.82 -19.23
O2 UDP N . 22.24 -12.40 -16.24
O4 UDP N . 23.47 -10.00 -19.90
C1' UDP N . 19.79 -13.13 -17.24
C2' UDP N . 18.58 -12.34 -16.74
O2' UDP N . 18.22 -12.75 -15.42
C3' UDP N . 17.51 -12.69 -17.78
C4' UDP N . 17.88 -14.13 -18.13
O4' UDP N . 19.33 -14.15 -18.11
O3' UDP N . 16.19 -12.61 -17.24
C5' UDP N . 17.41 -14.60 -19.49
O5' UDP N . 17.69 -13.58 -20.46
PA UDP N . 16.76 -13.35 -21.71
O1A UDP N . 15.91 -14.58 -22.00
O2A UDP N . 17.62 -12.86 -22.82
O3A UDP N . 15.74 -12.19 -21.25
PB UDP N . 14.30 -12.37 -20.60
O1B UDP N . 13.59 -13.28 -21.60
O2B UDP N . 14.60 -13.11 -19.30
O3B UDP N . 13.62 -11.06 -20.40
#